data_7XU8
#
_entry.id   7XU8
#
_cell.length_a   89.896
_cell.length_b   101.637
_cell.length_c   163.394
_cell.angle_alpha   90.000
_cell.angle_beta   90.000
_cell.angle_gamma   90.000
#
_symmetry.space_group_name_H-M   'I 2 2 2'
#
loop_
_entity.id
_entity.type
_entity.pdbx_description
1 polymer 'Peptidoglycan recognition protein 1'
2 non-polymer 1,2-ETHANEDIOL
3 non-polymer 'HYDROGEN PEROXIDE'
4 non-polymer 'CARBONATE ION'
5 non-polymer 'SODIUM ION'
6 non-polymer 'HEPTANOIC ACID'
7 non-polymer (4S)-2-METHYL-2,4-PENTANEDIOL
8 water water
#
_entity_poly.entity_id   1
_entity_poly.type   'polypeptide(L)'
_entity_poly.pdbx_seq_one_letter_code
;EDPPACGSIVPRREWRALASECRERLTRPVRYVVVSHTAGSHCDTPASCAQQAQNVQSYHVRNLGWCDVGYNFLIGEDGL
VYEGRGWNIKGAHAGPTWNPISIGISFMGNYMNRVPPPRALRAAQNLLACGVALGALRSNYEVKGHRDVQPTLSPGDRLY
EIIQTWSHYRA
;
_entity_poly.pdbx_strand_id   A,B,C,D
#
# COMPACT_ATOMS: atom_id res chain seq x y z
N CYS A 6 -12.42 5.46 -11.24
CA CYS A 6 -12.41 5.00 -9.81
C CYS A 6 -12.93 6.08 -8.86
N GLY A 7 -13.73 5.67 -7.87
CA GLY A 7 -14.14 6.49 -6.70
C GLY A 7 -15.02 7.68 -7.05
N SER A 8 -15.62 8.30 -6.03
CA SER A 8 -16.58 9.43 -6.16
C SER A 8 -16.04 10.72 -5.55
N ILE A 9 -16.29 11.85 -6.22
CA ILE A 9 -15.75 13.21 -5.95
C ILE A 9 -16.79 14.26 -6.38
N VAL A 10 -17.03 15.27 -5.54
CA VAL A 10 -17.84 16.47 -5.88
C VAL A 10 -17.03 17.30 -6.86
N PRO A 11 -17.46 17.44 -8.14
CA PRO A 11 -16.68 18.18 -9.14
C PRO A 11 -16.74 19.69 -8.90
N ARG A 12 -15.78 20.41 -9.48
CA ARG A 12 -15.60 21.89 -9.31
C ARG A 12 -16.94 22.61 -9.42
N ARG A 13 -17.66 22.41 -10.54
CA ARG A 13 -18.89 23.17 -10.88
C ARG A 13 -19.94 22.95 -9.80
N GLU A 14 -20.01 21.73 -9.24
CA GLU A 14 -21.06 21.36 -8.25
C GLU A 14 -20.88 22.17 -6.95
N TRP A 15 -19.65 22.52 -6.55
CA TRP A 15 -19.43 23.37 -5.34
C TRP A 15 -19.24 24.84 -5.75
N ARG A 16 -19.50 25.17 -7.02
CA ARG A 16 -19.63 26.56 -7.55
C ARG A 16 -18.26 27.23 -7.51
N ALA A 17 -17.22 26.48 -7.87
CA ALA A 17 -15.81 26.92 -7.87
C ALA A 17 -15.66 28.00 -8.94
N LEU A 18 -14.94 29.08 -8.62
CA LEU A 18 -14.37 30.00 -9.65
C LEU A 18 -13.58 29.12 -10.61
N ALA A 19 -13.53 29.46 -11.89
CA ALA A 19 -12.74 28.75 -12.92
C ALA A 19 -11.25 28.85 -12.55
N SER A 20 -10.50 27.75 -12.75
CA SER A 20 -9.04 27.70 -12.45
C SER A 20 -8.27 28.51 -13.50
N GLU A 21 -7.16 29.12 -13.10
CA GLU A 21 -6.17 29.75 -14.01
C GLU A 21 -4.86 28.96 -13.98
N CYS A 22 -4.82 27.85 -13.25
CA CYS A 22 -3.59 27.05 -13.04
C CYS A 22 -3.29 26.28 -14.33
N ARG A 23 -2.02 26.21 -14.70
CA ARG A 23 -1.54 25.57 -15.97
C ARG A 23 -0.47 24.52 -15.66
N GLU A 24 0.35 24.73 -14.62
CA GLU A 24 1.49 23.85 -14.27
C GLU A 24 0.99 22.45 -13.93
N ARG A 25 1.49 21.44 -14.65
CA ARG A 25 1.05 20.03 -14.52
C ARG A 25 2.00 19.29 -13.59
N LEU A 26 1.47 18.33 -12.82
CA LEU A 26 2.27 17.31 -12.11
C LEU A 26 2.68 16.23 -13.10
N THR A 27 3.79 15.54 -12.83
CA THR A 27 4.31 14.39 -13.61
C THR A 27 3.79 13.10 -12.98
N ARG A 28 2.88 12.39 -13.65
CA ARG A 28 2.34 11.13 -13.10
C ARG A 28 3.36 10.03 -13.38
N PRO A 29 3.49 8.99 -12.53
CA PRO A 29 2.74 8.90 -11.28
C PRO A 29 3.44 9.72 -10.17
N VAL A 30 2.63 10.34 -9.30
CA VAL A 30 3.11 11.22 -8.19
C VAL A 30 3.47 10.34 -6.97
N ARG A 31 4.63 10.58 -6.36
CA ARG A 31 5.19 9.73 -5.28
C ARG A 31 4.60 10.09 -3.91
N TYR A 32 4.21 11.35 -3.69
CA TYR A 32 3.91 11.86 -2.33
C TYR A 32 2.50 12.41 -2.24
N VAL A 33 1.87 12.14 -1.10
CA VAL A 33 0.61 12.80 -0.67
C VAL A 33 0.92 13.59 0.60
N VAL A 34 0.58 14.87 0.63
CA VAL A 34 0.74 15.71 1.84
C VAL A 34 -0.64 16.01 2.40
N VAL A 35 -0.86 15.64 3.66
CA VAL A 35 -2.17 15.83 4.34
C VAL A 35 -2.09 17.08 5.23
N SER A 36 -2.95 18.05 4.95
CA SER A 36 -3.10 19.31 5.69
C SER A 36 -4.49 19.37 6.32
N HIS A 37 -4.71 20.40 7.15
CA HIS A 37 -6.05 20.90 7.52
C HIS A 37 -6.14 22.32 7.02
N THR A 38 -7.37 22.83 6.83
CA THR A 38 -7.61 24.24 6.44
C THR A 38 -7.43 25.15 7.66
N ALA A 39 -7.44 24.59 8.88
CA ALA A 39 -7.56 25.34 10.15
C ALA A 39 -8.78 26.28 10.08
N GLY A 40 -9.71 26.00 9.17
CA GLY A 40 -10.93 26.82 8.94
C GLY A 40 -12.14 26.26 9.67
N SER A 41 -13.31 26.85 9.45
CA SER A 41 -14.61 26.31 9.94
C SER A 41 -14.80 24.90 9.38
N HIS A 42 -15.29 23.96 10.19
CA HIS A 42 -15.70 22.62 9.72
C HIS A 42 -17.13 22.70 9.18
N CYS A 43 -17.60 21.61 8.60
CA CYS A 43 -18.91 21.49 7.90
C CYS A 43 -19.28 20.00 7.88
N ASP A 44 -20.55 19.64 8.08
CA ASP A 44 -20.94 18.20 8.14
C ASP A 44 -22.19 17.92 7.28
N THR A 45 -22.48 18.80 6.31
CA THR A 45 -23.58 18.60 5.33
C THR A 45 -23.05 18.98 3.95
N PRO A 46 -23.48 18.29 2.88
CA PRO A 46 -23.11 18.66 1.52
C PRO A 46 -23.29 20.15 1.22
N ALA A 47 -24.38 20.74 1.74
CA ALA A 47 -24.68 22.18 1.58
C ALA A 47 -23.58 23.02 2.25
N SER A 48 -23.27 22.73 3.53
CA SER A 48 -22.31 23.55 4.32
C SER A 48 -20.88 23.36 3.79
N CYS A 49 -20.50 22.15 3.38
CA CYS A 49 -19.15 21.82 2.87
C CYS A 49 -18.91 22.39 1.46
N ALA A 50 -19.93 22.46 0.59
CA ALA A 50 -19.81 23.11 -0.73
C ALA A 50 -19.46 24.58 -0.52
N GLN A 51 -20.13 25.23 0.44
CA GLN A 51 -19.91 26.62 0.86
C GLN A 51 -18.47 26.77 1.41
N GLN A 52 -18.06 25.85 2.27
CA GLN A 52 -16.72 25.88 2.90
C GLN A 52 -15.64 25.81 1.82
N ALA A 53 -15.77 24.90 0.86
CA ALA A 53 -14.83 24.76 -0.28
C ALA A 53 -14.77 26.09 -1.06
N GLN A 54 -15.92 26.76 -1.20
CA GLN A 54 -16.01 28.07 -1.88
C GLN A 54 -15.20 29.10 -1.11
N ASN A 55 -15.35 29.10 0.22
CA ASN A 55 -14.71 30.07 1.13
C ASN A 55 -13.20 29.87 1.07
N VAL A 56 -12.74 28.62 1.18
CA VAL A 56 -11.29 28.29 1.10
C VAL A 56 -10.75 28.80 -0.25
N GLN A 57 -11.43 28.50 -1.36
CA GLN A 57 -10.98 28.92 -2.71
C GLN A 57 -10.96 30.46 -2.80
N SER A 58 -11.98 31.11 -2.26
CA SER A 58 -12.09 32.58 -2.25
C SER A 58 -10.82 33.18 -1.59
N TYR A 59 -10.50 32.72 -0.38
CA TYR A 59 -9.29 33.13 0.37
C TYR A 59 -8.06 32.98 -0.53
N HIS A 60 -7.90 31.84 -1.19
CA HIS A 60 -6.66 31.49 -1.95
C HIS A 60 -6.57 32.33 -3.22
N VAL A 61 -7.69 32.53 -3.91
CA VAL A 61 -7.72 33.25 -5.20
C VAL A 61 -7.72 34.75 -4.96
N ARG A 62 -8.64 35.24 -4.13
CA ARG A 62 -8.88 36.70 -3.96
C ARG A 62 -7.76 37.31 -3.12
N ASN A 63 -7.47 36.74 -1.96
CA ASN A 63 -6.52 37.33 -0.96
C ASN A 63 -5.08 36.93 -1.26
N LEU A 64 -4.80 35.68 -1.54
CA LEU A 64 -3.41 35.19 -1.76
C LEU A 64 -3.02 35.33 -3.24
N GLY A 65 -3.99 35.59 -4.13
CA GLY A 65 -3.73 35.82 -5.56
C GLY A 65 -3.32 34.54 -6.29
N TRP A 66 -3.71 33.37 -5.79
CA TRP A 66 -3.36 32.06 -6.38
C TRP A 66 -4.26 31.75 -7.57
N CYS A 67 -3.81 30.87 -8.46
CA CYS A 67 -4.51 30.56 -9.76
C CYS A 67 -5.79 29.75 -9.47
N ASP A 68 -5.90 29.17 -8.28
CA ASP A 68 -7.04 28.32 -7.83
C ASP A 68 -6.87 28.03 -6.35
N VAL A 69 -7.86 27.41 -5.71
CA VAL A 69 -7.69 26.76 -4.38
C VAL A 69 -6.39 25.94 -4.44
N GLY A 70 -5.59 25.97 -3.38
CA GLY A 70 -4.19 25.50 -3.41
C GLY A 70 -4.12 23.99 -3.33
N TYR A 71 -5.15 23.38 -2.74
CA TYR A 71 -5.23 21.93 -2.52
C TYR A 71 -5.70 21.21 -3.79
N ASN A 72 -5.16 20.00 -4.00
CA ASN A 72 -5.59 19.11 -5.10
C ASN A 72 -7.00 18.59 -4.80
N PHE A 73 -7.28 18.24 -3.53
CA PHE A 73 -8.62 17.85 -3.07
C PHE A 73 -8.85 18.35 -1.64
N LEU A 74 -10.11 18.64 -1.29
CA LEU A 74 -10.55 18.94 0.08
C LEU A 74 -11.46 17.81 0.57
N ILE A 75 -11.42 17.53 1.88
CA ILE A 75 -12.21 16.47 2.55
C ILE A 75 -13.19 17.10 3.53
N GLY A 76 -14.48 16.84 3.37
CA GLY A 76 -15.53 17.36 4.28
C GLY A 76 -15.85 16.36 5.37
N GLU A 77 -16.34 16.85 6.51
CA GLU A 77 -16.88 16.02 7.61
C GLU A 77 -18.25 15.45 7.19
N ASP A 78 -18.79 15.89 6.05
CA ASP A 78 -19.96 15.29 5.36
C ASP A 78 -19.57 13.95 4.71
N GLY A 79 -18.27 13.63 4.66
CA GLY A 79 -17.74 12.35 4.12
C GLY A 79 -17.55 12.38 2.61
N LEU A 80 -17.65 13.57 2.01
CA LEU A 80 -17.44 13.77 0.55
C LEU A 80 -16.07 14.40 0.30
N VAL A 81 -15.49 14.07 -0.85
CA VAL A 81 -14.26 14.71 -1.39
C VAL A 81 -14.69 15.82 -2.34
N TYR A 82 -14.11 17.01 -2.20
CA TYR A 82 -14.30 18.19 -3.08
C TYR A 82 -13.09 18.29 -4.01
N GLU A 83 -13.36 18.32 -5.30
CA GLU A 83 -12.31 18.48 -6.34
C GLU A 83 -11.67 19.86 -6.17
N GLY A 84 -10.35 19.88 -5.98
CA GLY A 84 -9.54 21.10 -6.06
C GLY A 84 -8.88 21.21 -7.42
N ARG A 85 -7.55 21.28 -7.45
CA ARG A 85 -6.77 21.29 -8.71
C ARG A 85 -6.75 19.87 -9.32
N GLY A 86 -7.13 18.85 -8.56
CA GLY A 86 -7.23 17.46 -9.06
C GLY A 86 -5.87 16.78 -9.18
N TRP A 87 -5.84 15.69 -9.93
CA TRP A 87 -4.68 14.76 -10.02
C TRP A 87 -3.55 15.35 -10.86
N ASN A 88 -3.86 16.26 -11.78
CA ASN A 88 -2.94 16.56 -12.91
C ASN A 88 -2.27 17.93 -12.77
N ILE A 89 -2.78 18.80 -11.88
CA ILE A 89 -2.32 20.22 -11.75
C ILE A 89 -1.55 20.40 -10.43
N LYS A 90 -0.35 20.93 -10.50
CA LYS A 90 0.49 21.29 -9.33
C LYS A 90 -0.29 22.15 -8.34
N GLY A 91 -0.32 21.74 -7.08
CA GLY A 91 -0.99 22.49 -6.00
C GLY A 91 -0.12 23.61 -5.43
N ALA A 92 -0.68 24.36 -4.48
CA ALA A 92 0.00 25.33 -3.60
C ALA A 92 -0.42 25.04 -2.16
N HIS A 93 0.27 24.12 -1.48
CA HIS A 93 -0.15 23.58 -0.17
C HIS A 93 1.03 23.19 0.73
N ALA A 94 2.24 23.01 0.20
CA ALA A 94 3.40 22.45 0.94
C ALA A 94 4.73 23.13 0.57
N GLY A 95 4.69 24.29 -0.06
CA GLY A 95 5.90 25.07 -0.39
C GLY A 95 6.54 24.59 -1.69
N PRO A 96 7.56 25.32 -2.20
CA PRO A 96 8.06 25.09 -3.56
C PRO A 96 8.88 23.81 -3.79
N THR A 97 9.31 23.13 -2.73
CA THR A 97 10.04 21.83 -2.83
C THR A 97 9.03 20.68 -3.01
N TRP A 98 7.92 20.70 -2.25
CA TRP A 98 6.95 19.57 -2.17
C TRP A 98 5.77 19.72 -3.16
N ASN A 99 5.38 20.94 -3.47
CA ASN A 99 4.25 21.24 -4.40
C ASN A 99 4.44 20.50 -5.74
N PRO A 100 5.61 20.62 -6.41
CA PRO A 100 5.82 19.94 -7.70
C PRO A 100 5.88 18.40 -7.69
N ILE A 101 5.93 17.74 -6.53
CA ILE A 101 6.17 16.26 -6.44
C ILE A 101 5.10 15.59 -5.56
N SER A 102 4.01 16.30 -5.22
CA SER A 102 3.00 15.79 -4.27
C SER A 102 1.58 16.12 -4.73
N ILE A 103 0.64 15.34 -4.19
CA ILE A 103 -0.81 15.65 -4.13
C ILE A 103 -1.07 16.17 -2.71
N GLY A 104 -1.66 17.35 -2.60
CA GLY A 104 -2.10 17.95 -1.34
C GLY A 104 -3.58 17.72 -1.14
N ILE A 105 -3.95 16.96 -0.10
CA ILE A 105 -5.36 16.82 0.34
C ILE A 105 -5.49 17.50 1.70
N SER A 106 -6.53 18.32 1.85
CA SER A 106 -6.79 19.13 3.06
C SER A 106 -8.15 18.74 3.64
N PHE A 107 -8.17 18.33 4.91
CA PHE A 107 -9.41 18.20 5.70
C PHE A 107 -9.90 19.60 6.08
N MET A 108 -11.15 19.92 5.75
CA MET A 108 -11.77 21.23 6.04
C MET A 108 -12.16 21.30 7.51
N GLY A 109 -11.41 22.05 8.31
CA GLY A 109 -11.60 22.20 9.76
C GLY A 109 -10.27 22.37 10.49
N ASN A 110 -10.33 22.39 11.82
CA ASN A 110 -9.13 22.48 12.70
C ASN A 110 -9.11 21.24 13.58
N TYR A 111 -8.07 20.41 13.42
CA TYR A 111 -7.94 19.07 14.04
C TYR A 111 -6.81 19.10 15.07
N MET A 112 -6.60 20.28 15.70
CA MET A 112 -5.67 20.43 16.84
C MET A 112 -6.27 19.70 18.06
N ASN A 113 -7.56 19.91 18.34
CA ASN A 113 -8.27 19.32 19.52
C ASN A 113 -9.53 18.56 19.09
N ARG A 114 -9.55 18.00 17.87
CA ARG A 114 -10.71 17.26 17.30
C ARG A 114 -10.21 16.28 16.23
N VAL A 115 -10.87 15.13 16.10
CA VAL A 115 -10.62 14.18 14.98
C VAL A 115 -11.67 14.42 13.90
N PRO A 116 -11.35 14.17 12.62
CA PRO A 116 -12.38 14.06 11.60
C PRO A 116 -13.18 12.80 11.90
N PRO A 117 -14.49 12.77 11.57
CA PRO A 117 -15.29 11.55 11.76
C PRO A 117 -14.83 10.45 10.82
N PRO A 118 -15.07 9.16 11.15
CA PRO A 118 -14.63 8.06 10.30
C PRO A 118 -14.96 8.22 8.79
N ARG A 119 -16.10 8.81 8.45
CA ARG A 119 -16.52 8.97 7.03
C ARG A 119 -15.56 9.89 6.28
N ALA A 120 -15.05 10.93 6.95
CA ALA A 120 -14.04 11.86 6.41
C ALA A 120 -12.77 11.07 6.11
N LEU A 121 -12.33 10.25 7.07
CA LEU A 121 -11.08 9.47 6.97
C LEU A 121 -11.22 8.45 5.83
N ARG A 122 -12.38 7.79 5.77
CA ARG A 122 -12.69 6.78 4.70
C ARG A 122 -12.59 7.47 3.33
N ALA A 123 -13.24 8.61 3.17
CA ALA A 123 -13.23 9.40 1.92
C ALA A 123 -11.79 9.63 1.46
N ALA A 124 -10.91 10.02 2.38
CA ALA A 124 -9.50 10.38 2.10
C ALA A 124 -8.75 9.13 1.67
N GLN A 125 -8.91 8.03 2.41
CA GLN A 125 -8.19 6.76 2.13
C GLN A 125 -8.65 6.20 0.78
N ASN A 126 -9.96 6.28 0.48
CA ASN A 126 -10.50 5.77 -0.80
C ASN A 126 -10.08 6.71 -1.95
N LEU A 127 -10.03 8.02 -1.72
CA LEU A 127 -9.46 8.97 -2.72
C LEU A 127 -8.06 8.50 -3.13
N LEU A 128 -7.22 8.14 -2.17
CA LEU A 128 -5.82 7.75 -2.49
C LEU A 128 -5.79 6.42 -3.24
N ALA A 129 -6.60 5.43 -2.84
CA ALA A 129 -6.74 4.15 -3.58
C ALA A 129 -7.11 4.44 -5.04
N CYS A 130 -8.06 5.34 -5.25
CA CYS A 130 -8.49 5.80 -6.59
C CYS A 130 -7.31 6.37 -7.38
N GLY A 131 -6.52 7.25 -6.76
CA GLY A 131 -5.31 7.83 -7.37
C GLY A 131 -4.37 6.75 -7.88
N VAL A 132 -4.16 5.70 -7.08
CA VAL A 132 -3.28 4.56 -7.49
C VAL A 132 -3.92 3.91 -8.72
N ALA A 133 -5.21 3.57 -8.64
CA ALA A 133 -5.97 2.88 -9.71
C ALA A 133 -5.87 3.65 -11.04
N LEU A 134 -5.91 4.99 -10.98
CA LEU A 134 -5.86 5.92 -12.16
C LEU A 134 -4.44 6.09 -12.69
N GLY A 135 -3.42 5.66 -11.94
CA GLY A 135 -2.00 5.91 -12.28
C GLY A 135 -1.55 7.32 -11.92
N ALA A 136 -2.37 8.08 -11.18
CA ALA A 136 -2.08 9.45 -10.70
C ALA A 136 -1.00 9.38 -9.61
N LEU A 137 -1.14 8.39 -8.71
CA LEU A 137 -0.19 8.10 -7.60
C LEU A 137 0.55 6.81 -7.91
N ARG A 138 1.83 6.74 -7.52
CA ARG A 138 2.59 5.47 -7.50
C ARG A 138 1.90 4.48 -6.56
N SER A 139 1.94 3.20 -6.91
CA SER A 139 1.44 2.10 -6.03
C SER A 139 2.11 2.21 -4.64
N ASN A 140 3.40 2.59 -4.61
CA ASN A 140 4.18 2.78 -3.35
C ASN A 140 4.23 4.27 -2.95
N TYR A 141 3.12 5.01 -3.09
CA TYR A 141 3.08 6.44 -2.70
C TYR A 141 3.38 6.53 -1.19
N GLU A 142 3.90 7.68 -0.75
CA GLU A 142 4.15 7.96 0.68
C GLU A 142 3.24 9.10 1.14
N VAL A 143 2.56 8.90 2.28
CA VAL A 143 1.76 9.97 2.95
C VAL A 143 2.67 10.74 3.91
N LYS A 144 2.68 12.07 3.82
CA LYS A 144 3.36 12.97 4.77
C LYS A 144 2.33 13.86 5.43
N GLY A 145 2.49 14.15 6.71
CA GLY A 145 1.81 15.27 7.35
C GLY A 145 2.36 16.59 6.82
N HIS A 146 1.52 17.63 6.74
CA HIS A 146 1.95 19.00 6.33
C HIS A 146 3.18 19.39 7.18
N ARG A 147 3.10 19.18 8.50
CA ARG A 147 4.17 19.51 9.48
C ARG A 147 5.46 18.72 9.21
N ASP A 148 5.41 17.60 8.46
CA ASP A 148 6.63 16.80 8.18
C ASP A 148 7.48 17.45 7.08
N VAL A 149 6.93 18.39 6.31
CA VAL A 149 7.61 18.98 5.12
C VAL A 149 7.62 20.51 5.20
N GLN A 150 6.88 21.08 6.16
CA GLN A 150 6.79 22.55 6.38
C GLN A 150 6.64 22.81 7.88
N PRO A 151 7.13 23.96 8.38
CA PRO A 151 6.95 24.34 9.78
C PRO A 151 5.53 24.88 9.97
N THR A 152 4.67 24.03 10.53
CA THR A 152 3.23 24.30 10.74
C THR A 152 2.72 23.24 11.71
N LEU A 153 1.61 23.53 12.38
CA LEU A 153 0.87 22.55 13.23
C LEU A 153 -0.04 21.69 12.33
N SER A 154 -0.40 22.18 11.14
CA SER A 154 -1.13 21.42 10.09
C SER A 154 -0.54 20.02 9.98
N PRO A 155 -1.35 18.91 9.98
CA PRO A 155 -2.81 18.97 9.91
C PRO A 155 -3.59 18.94 11.23
N GLY A 156 -2.99 19.46 12.31
CA GLY A 156 -3.57 19.43 13.67
C GLY A 156 -3.15 18.16 14.39
N ASP A 157 -2.87 18.25 15.70
CA ASP A 157 -2.27 17.17 16.52
C ASP A 157 -3.08 15.88 16.38
N ARG A 158 -4.42 15.97 16.53
CA ARG A 158 -5.30 14.77 16.58
C ARG A 158 -5.28 14.07 15.22
N LEU A 159 -5.43 14.82 14.13
CA LEU A 159 -5.43 14.25 12.76
C LEU A 159 -4.02 13.75 12.42
N TYR A 160 -2.97 14.47 12.83
CA TYR A 160 -1.56 14.03 12.61
C TYR A 160 -1.35 12.65 13.23
N GLU A 161 -1.81 12.42 14.47
CA GLU A 161 -1.68 11.12 15.18
C GLU A 161 -2.36 10.00 14.37
N ILE A 162 -3.52 10.31 13.78
CA ILE A 162 -4.29 9.32 12.96
C ILE A 162 -3.51 8.97 11.70
N ILE A 163 -3.02 9.96 10.94
CA ILE A 163 -2.38 9.67 9.61
C ILE A 163 -1.06 8.93 9.85
N GLN A 164 -0.46 9.04 11.04
CA GLN A 164 0.77 8.27 11.40
C GLN A 164 0.49 6.77 11.37
N THR A 165 -0.77 6.35 11.59
CA THR A 165 -1.20 4.92 11.61
C THR A 165 -1.46 4.38 10.19
N TRP A 166 -1.56 5.24 9.18
CA TRP A 166 -1.92 4.86 7.79
C TRP A 166 -0.81 4.02 7.17
N SER A 167 -1.23 3.03 6.38
CA SER A 167 -0.40 2.04 5.64
C SER A 167 0.79 2.73 4.95
N HIS A 168 0.52 3.82 4.25
CA HIS A 168 1.50 4.47 3.33
C HIS A 168 2.23 5.62 4.05
N TYR A 169 1.94 5.87 5.34
CA TYR A 169 2.64 6.95 6.10
C TYR A 169 4.13 6.62 6.25
N ARG A 170 4.98 7.62 6.01
CA ARG A 170 6.45 7.58 6.26
C ARG A 170 6.90 9.01 6.65
N ALA A 171 7.38 9.20 7.87
CA ALA A 171 7.75 10.50 8.48
C ALA A 171 8.84 11.20 7.68
N CYS B 6 -14.62 2.31 -3.19
N CYS B 6 -14.49 -0.70 -2.57
CA CYS B 6 -15.22 0.99 -2.85
CA CYS B 6 -13.71 0.57 -2.52
C CYS B 6 -15.22 0.79 -1.33
C CYS B 6 -13.61 1.07 -1.07
N GLY B 7 -14.32 1.51 -0.66
N GLY B 7 -14.70 0.96 -0.32
CA GLY B 7 -14.19 1.50 0.81
CA GLY B 7 -14.73 1.19 1.14
C GLY B 7 -14.81 2.73 1.45
C GLY B 7 -14.93 2.65 1.52
N SER B 8 -15.80 3.37 0.80
CA SER B 8 -16.39 4.66 1.26
C SER B 8 -17.87 4.45 1.60
N ILE B 9 -18.18 3.26 2.08
CA ILE B 9 -19.52 2.79 2.55
C ILE B 9 -19.63 3.05 4.05
N VAL B 10 -20.75 3.62 4.50
CA VAL B 10 -21.09 3.75 5.95
C VAL B 10 -21.42 2.35 6.47
N PRO B 11 -20.60 1.77 7.38
CA PRO B 11 -20.81 0.39 7.82
C PRO B 11 -22.01 0.31 8.79
N ARG B 12 -22.54 -0.92 8.96
CA ARG B 12 -23.75 -1.20 9.78
C ARG B 12 -23.69 -0.46 11.12
N ARG B 13 -22.60 -0.65 11.87
CA ARG B 13 -22.50 -0.14 13.28
C ARG B 13 -22.57 1.37 13.29
N GLU B 14 -22.02 2.03 12.26
CA GLU B 14 -21.96 3.51 12.19
C GLU B 14 -23.37 4.11 12.08
N TRP B 15 -24.32 3.44 11.41
CA TRP B 15 -25.72 3.95 11.34
C TRP B 15 -26.60 3.27 12.41
N ARG B 16 -25.97 2.53 13.33
CA ARG B 16 -26.59 2.00 14.58
C ARG B 16 -27.61 0.92 14.21
N ALA B 17 -27.25 0.09 13.23
CA ALA B 17 -28.08 -1.02 12.71
C ALA B 17 -28.22 -2.06 13.81
N LEU B 18 -29.43 -2.59 13.99
CA LEU B 18 -29.65 -3.87 14.70
C LEU B 18 -28.75 -4.91 14.00
N ALA B 19 -28.24 -5.89 14.73
CA ALA B 19 -27.45 -7.02 14.18
C ALA B 19 -28.29 -7.81 13.17
N SER B 20 -27.68 -8.25 12.08
CA SER B 20 -28.32 -9.13 11.06
C SER B 20 -28.49 -10.54 11.62
N GLU B 21 -29.58 -11.22 11.22
CA GLU B 21 -29.83 -12.64 11.49
C GLU B 21 -29.83 -13.41 10.16
N CYS B 22 -29.53 -12.72 9.05
CA CYS B 22 -29.63 -13.31 7.68
C CYS B 22 -28.48 -14.30 7.47
N ARG B 23 -28.75 -15.42 6.81
CA ARG B 23 -27.78 -16.53 6.60
C ARG B 23 -27.63 -16.86 5.12
N GLU B 24 -28.69 -16.73 4.32
CA GLU B 24 -28.70 -17.11 2.88
C GLU B 24 -27.68 -16.24 2.13
N ARG B 25 -26.73 -16.89 1.43
CA ARG B 25 -25.64 -16.21 0.69
C ARG B 25 -26.03 -16.07 -0.78
N LEU B 26 -25.57 -14.99 -1.42
CA LEU B 26 -25.59 -14.83 -2.90
C LEU B 26 -24.43 -15.62 -3.49
N THR B 27 -24.59 -16.08 -4.73
CA THR B 27 -23.56 -16.79 -5.53
C THR B 27 -22.82 -15.76 -6.40
N ARG B 28 -21.56 -15.48 -6.06
CA ARG B 28 -20.75 -14.49 -6.81
C ARG B 28 -20.22 -15.20 -8.06
N PRO B 29 -20.01 -14.49 -9.18
CA PRO B 29 -20.38 -13.08 -9.30
C PRO B 29 -21.87 -12.95 -9.65
N VAL B 30 -22.52 -11.91 -9.11
CA VAL B 30 -23.99 -11.64 -9.29
C VAL B 30 -24.21 -10.88 -10.60
N ARG B 31 -25.19 -11.30 -11.40
CA ARG B 31 -25.44 -10.77 -12.77
C ARG B 31 -26.25 -9.47 -12.74
N TYR B 32 -27.12 -9.30 -11.74
CA TYR B 32 -28.17 -8.25 -11.77
C TYR B 32 -28.03 -7.30 -10.58
N VAL B 33 -28.29 -6.02 -10.88
CA VAL B 33 -28.54 -4.98 -9.85
C VAL B 33 -29.98 -4.52 -10.03
N VAL B 34 -30.76 -4.52 -8.94
CA VAL B 34 -32.13 -3.96 -8.98
C VAL B 34 -32.12 -2.65 -8.19
N VAL B 35 -32.52 -1.56 -8.83
CA VAL B 35 -32.60 -0.21 -8.23
C VAL B 35 -34.04 0.06 -7.79
N SER B 36 -34.22 0.27 -6.49
CA SER B 36 -35.51 0.63 -5.85
C SER B 36 -35.40 2.04 -5.25
N HIS B 37 -36.52 2.55 -4.79
CA HIS B 37 -36.60 3.64 -3.79
C HIS B 37 -37.27 3.06 -2.55
N THR B 38 -37.05 3.68 -1.40
CA THR B 38 -37.65 3.27 -0.12
C THR B 38 -39.11 3.73 -0.09
N ALA B 39 -39.49 4.69 -0.96
CA ALA B 39 -40.77 5.43 -0.87
C ALA B 39 -40.92 5.97 0.56
N GLY B 40 -39.80 6.16 1.25
CA GLY B 40 -39.75 6.65 2.64
C GLY B 40 -39.40 8.12 2.65
N SER B 41 -39.24 8.67 3.85
CA SER B 41 -38.71 10.05 4.07
C SER B 41 -37.35 10.17 3.37
N HIS B 42 -37.12 11.32 2.75
CA HIS B 42 -35.83 11.76 2.15
C HIS B 42 -34.91 12.25 3.28
N CYS B 43 -33.61 12.37 3.01
CA CYS B 43 -32.59 12.83 3.99
C CYS B 43 -31.39 13.36 3.22
N ASP B 44 -30.79 14.46 3.64
CA ASP B 44 -29.69 15.10 2.88
C ASP B 44 -28.51 15.47 3.81
N THR B 45 -28.44 14.88 5.00
CA THR B 45 -27.31 15.04 5.95
C THR B 45 -26.95 13.66 6.49
N PRO B 46 -25.65 13.40 6.76
CA PRO B 46 -25.24 12.13 7.35
C PRO B 46 -26.05 11.78 8.62
N ALA B 47 -26.39 12.78 9.44
CA ALA B 47 -27.20 12.60 10.65
C ALA B 47 -28.60 12.10 10.25
N SER B 48 -29.28 12.78 9.32
CA SER B 48 -30.69 12.48 8.94
C SER B 48 -30.76 11.13 8.20
N CYS B 49 -29.77 10.82 7.34
CA CYS B 49 -29.72 9.57 6.54
C CYS B 49 -29.37 8.35 7.41
N ALA B 50 -28.52 8.49 8.42
CA ALA B 50 -28.24 7.39 9.38
C ALA B 50 -29.55 7.00 10.09
N GLN B 51 -30.32 8.00 10.50
CA GLN B 51 -31.64 7.85 11.16
C GLN B 51 -32.62 7.17 10.19
N GLN B 52 -32.63 7.62 8.93
CA GLN B 52 -33.56 7.08 7.90
C GLN B 52 -33.26 5.59 7.67
N ALA B 53 -31.99 5.22 7.55
CA ALA B 53 -31.55 3.81 7.38
C ALA B 53 -32.03 3.00 8.60
N GLN B 54 -31.97 3.59 9.80
CA GLN B 54 -32.44 2.94 11.04
C GLN B 54 -33.93 2.66 10.95
N ASN B 55 -34.68 3.65 10.48
CA ASN B 55 -36.17 3.61 10.37
C ASN B 55 -36.54 2.51 9.37
N VAL B 56 -35.90 2.50 8.20
CA VAL B 56 -36.16 1.47 7.16
C VAL B 56 -35.91 0.09 7.77
N GLN B 57 -34.77 -0.09 8.43
CA GLN B 57 -34.40 -1.41 9.02
C GLN B 57 -35.42 -1.80 10.11
N SER B 58 -35.81 -0.83 10.93
CA SER B 58 -36.80 -1.03 12.03
C SER B 58 -38.09 -1.63 11.42
N TYR B 59 -38.63 -0.98 10.39
CA TYR B 59 -39.85 -1.45 9.67
C TYR B 59 -39.65 -2.90 9.23
N HIS B 60 -38.52 -3.22 8.61
CA HIS B 60 -38.27 -4.55 8.00
C HIS B 60 -38.11 -5.62 9.08
N VAL B 61 -37.39 -5.30 10.15
CA VAL B 61 -37.04 -6.28 11.22
C VAL B 61 -38.22 -6.42 12.20
N ARG B 62 -38.73 -5.30 12.72
CA ARG B 62 -39.76 -5.30 13.79
C ARG B 62 -41.12 -5.69 13.20
N ASN B 63 -41.55 -5.03 12.13
CA ASN B 63 -42.93 -5.12 11.59
C ASN B 63 -43.05 -6.29 10.61
N LEU B 64 -42.11 -6.45 9.68
CA LEU B 64 -42.16 -7.52 8.64
C LEU B 64 -41.50 -8.79 9.15
N GLY B 65 -40.76 -8.72 10.27
CA GLY B 65 -40.15 -9.91 10.87
C GLY B 65 -38.97 -10.43 10.06
N TRP B 66 -38.32 -9.58 9.27
CA TRP B 66 -37.20 -9.99 8.39
C TRP B 66 -35.90 -10.07 9.19
N CYS B 67 -34.94 -10.85 8.69
CA CYS B 67 -33.64 -11.14 9.34
C CYS B 67 -32.77 -9.87 9.37
N ASP B 68 -33.08 -8.88 8.53
CA ASP B 68 -32.33 -7.60 8.43
C ASP B 68 -33.10 -6.66 7.50
N VAL B 69 -32.68 -5.40 7.39
CA VAL B 69 -33.12 -4.49 6.29
C VAL B 69 -32.98 -5.29 4.99
N GLY B 70 -33.95 -5.17 4.09
CA GLY B 70 -34.11 -6.05 2.93
C GLY B 70 -33.09 -5.73 1.83
N TYR B 71 -32.62 -4.49 1.77
CA TYR B 71 -31.72 -4.00 0.68
C TYR B 71 -30.26 -4.37 1.01
N ASN B 72 -29.47 -4.64 -0.04
CA ASN B 72 -28.02 -4.92 0.10
C ASN B 72 -27.30 -3.62 0.46
N PHE B 73 -27.70 -2.50 -0.15
CA PHE B 73 -27.18 -1.14 0.19
C PHE B 73 -28.29 -0.11 0.03
N LEU B 74 -28.23 0.96 0.83
CA LEU B 74 -29.13 2.14 0.73
C LEU B 74 -28.29 3.34 0.30
N ILE B 75 -28.88 4.26 -0.47
CA ILE B 75 -28.21 5.47 -1.01
C ILE B 75 -28.88 6.71 -0.44
N GLY B 76 -28.12 7.57 0.23
CA GLY B 76 -28.65 8.82 0.80
C GLY B 76 -28.47 9.99 -0.16
N GLU B 77 -29.32 11.00 -0.04
CA GLU B 77 -29.17 12.29 -0.75
C GLU B 77 -28.03 13.10 -0.10
N ASP B 78 -27.47 12.62 1.00
CA ASP B 78 -26.19 13.11 1.59
C ASP B 78 -25.00 12.64 0.73
N GLY B 79 -25.21 11.75 -0.23
CA GLY B 79 -24.17 11.26 -1.17
C GLY B 79 -23.35 10.11 -0.60
N LEU B 80 -23.81 9.53 0.51
CA LEU B 80 -23.18 8.34 1.15
C LEU B 80 -23.99 7.08 0.83
N VAL B 81 -23.29 5.96 0.76
CA VAL B 81 -23.87 4.59 0.70
C VAL B 81 -23.92 4.03 2.12
N TYR B 82 -25.08 3.49 2.51
CA TYR B 82 -25.32 2.81 3.81
C TYR B 82 -25.31 1.31 3.58
N GLU B 83 -24.45 0.60 4.30
CA GLU B 83 -24.32 -0.88 4.23
C GLU B 83 -25.65 -1.50 4.71
N GLY B 84 -26.24 -2.32 3.86
CA GLY B 84 -27.37 -3.19 4.24
C GLY B 84 -26.88 -4.59 4.47
N ARG B 85 -27.43 -5.55 3.74
CA ARG B 85 -27.00 -6.97 3.79
C ARG B 85 -25.65 -7.14 3.08
N GLY B 86 -25.21 -6.15 2.31
CA GLY B 86 -23.89 -6.15 1.65
C GLY B 86 -23.83 -7.05 0.43
N TRP B 87 -22.62 -7.41 -0.01
CA TRP B 87 -22.35 -8.09 -1.29
C TRP B 87 -22.72 -9.57 -1.22
N ASN B 88 -22.70 -10.17 -0.02
CA ASN B 88 -22.60 -11.65 0.11
C ASN B 88 -23.90 -12.29 0.59
N ILE B 89 -24.84 -11.49 1.10
CA ILE B 89 -26.10 -11.99 1.72
C ILE B 89 -27.29 -11.65 0.81
N LYS B 90 -28.08 -12.66 0.47
CA LYS B 90 -29.34 -12.51 -0.29
C LYS B 90 -30.22 -11.45 0.36
N GLY B 91 -30.67 -10.48 -0.43
CA GLY B 91 -31.59 -9.42 0.02
C GLY B 91 -33.03 -9.90 0.05
N ALA B 92 -33.92 -9.00 0.48
CA ALA B 92 -35.39 -9.08 0.34
C ALA B 92 -35.88 -7.74 -0.21
N HIS B 93 -35.90 -7.58 -1.54
CA HIS B 93 -36.13 -6.28 -2.22
C HIS B 93 -36.82 -6.42 -3.58
N ALA B 94 -36.83 -7.60 -4.20
CA ALA B 94 -37.32 -7.80 -5.59
C ALA B 94 -38.05 -9.13 -5.77
N GLY B 95 -38.50 -9.76 -4.67
CA GLY B 95 -39.30 -10.99 -4.72
C GLY B 95 -38.43 -12.24 -4.92
N PRO B 96 -39.05 -13.44 -4.90
CA PRO B 96 -38.31 -14.69 -4.78
C PRO B 96 -37.51 -15.14 -6.02
N THR B 97 -37.79 -14.56 -7.20
CA THR B 97 -37.07 -14.90 -8.45
C THR B 97 -35.79 -14.07 -8.53
N TRP B 98 -35.86 -12.77 -8.17
CA TRP B 98 -34.76 -11.79 -8.39
C TRP B 98 -33.84 -11.66 -7.17
N ASN B 99 -34.36 -11.83 -5.94
CA ASN B 99 -33.58 -11.73 -4.69
C ASN B 99 -32.34 -12.63 -4.76
N PRO B 100 -32.45 -13.93 -5.10
CA PRO B 100 -31.28 -14.81 -5.15
C PRO B 100 -30.22 -14.54 -6.22
N ILE B 101 -30.50 -13.67 -7.20
CA ILE B 101 -29.62 -13.48 -8.40
C ILE B 101 -29.30 -11.99 -8.60
N SER B 102 -29.58 -11.15 -7.61
CA SER B 102 -29.40 -9.67 -7.73
C SER B 102 -28.81 -9.08 -6.45
N ILE B 103 -28.21 -7.91 -6.63
CA ILE B 103 -27.91 -6.93 -5.56
C ILE B 103 -29.00 -5.87 -5.65
N GLY B 104 -29.69 -5.61 -4.54
CA GLY B 104 -30.71 -4.57 -4.41
C GLY B 104 -30.12 -3.33 -3.76
N ILE B 105 -30.08 -2.22 -4.50
CA ILE B 105 -29.69 -0.90 -3.94
C ILE B 105 -30.93 -0.01 -3.96
N SER B 106 -31.22 0.65 -2.86
CA SER B 106 -32.42 1.49 -2.65
C SER B 106 -32.01 2.92 -2.33
N PHE B 107 -32.48 3.87 -3.13
CA PHE B 107 -32.39 5.32 -2.85
C PHE B 107 -33.42 5.66 -1.77
N MET B 108 -32.98 6.29 -0.69
CA MET B 108 -33.84 6.63 0.46
C MET B 108 -34.64 7.88 0.12
N GLY B 109 -35.94 7.70 -0.14
CA GLY B 109 -36.88 8.78 -0.52
C GLY B 109 -37.93 8.27 -1.49
N ASN B 110 -38.73 9.20 -2.01
CA ASN B 110 -39.75 8.96 -3.07
C ASN B 110 -39.37 9.81 -4.28
N TYR B 111 -39.08 9.14 -5.41
CA TYR B 111 -38.53 9.76 -6.64
C TYR B 111 -39.60 9.65 -7.75
N MET B 112 -40.87 9.70 -7.36
CA MET B 112 -42.01 9.76 -8.31
C MET B 112 -41.97 11.13 -8.99
N ASN B 113 -41.83 12.22 -8.22
CA ASN B 113 -41.88 13.62 -8.70
C ASN B 113 -40.62 14.40 -8.28
N ARG B 114 -39.48 13.73 -8.14
CA ARG B 114 -38.16 14.40 -7.88
C ARG B 114 -37.01 13.43 -8.15
N VAL B 115 -35.84 14.00 -8.48
CA VAL B 115 -34.61 13.22 -8.79
C VAL B 115 -33.73 13.17 -7.54
N PRO B 116 -32.92 12.12 -7.36
CA PRO B 116 -31.83 12.17 -6.40
C PRO B 116 -30.80 13.17 -6.94
N PRO B 117 -30.06 13.88 -6.06
CA PRO B 117 -29.02 14.80 -6.52
C PRO B 117 -27.85 14.04 -7.14
N PRO B 118 -27.05 14.68 -8.01
CA PRO B 118 -25.91 13.99 -8.63
C PRO B 118 -25.01 13.21 -7.65
N ARG B 119 -24.82 13.69 -6.42
CA ARG B 119 -23.93 13.01 -5.43
C ARG B 119 -24.50 11.63 -5.07
N ALA B 120 -25.83 11.53 -4.97
CA ALA B 120 -26.53 10.24 -4.71
C ALA B 120 -26.26 9.29 -5.88
N LEU B 121 -26.40 9.78 -7.11
CA LEU B 121 -26.23 8.99 -8.35
C LEU B 121 -24.76 8.55 -8.45
N ARG B 122 -23.83 9.45 -8.16
CA ARG B 122 -22.36 9.14 -8.17
C ARG B 122 -22.06 8.02 -7.17
N ALA B 123 -22.58 8.14 -5.94
CA ALA B 123 -22.41 7.13 -4.88
C ALA B 123 -22.82 5.74 -5.41
N ALA B 124 -23.98 5.68 -6.09
CA ALA B 124 -24.57 4.42 -6.60
C ALA B 124 -23.67 3.86 -7.70
N GLN B 125 -23.24 4.70 -8.65
CA GLN B 125 -22.40 4.28 -9.80
C GLN B 125 -21.03 3.76 -9.28
N ASN B 126 -20.45 4.45 -8.29
CA ASN B 126 -19.15 4.02 -7.70
C ASN B 126 -19.35 2.73 -6.89
N LEU B 127 -20.47 2.60 -6.17
CA LEU B 127 -20.78 1.33 -5.46
C LEU B 127 -20.73 0.17 -6.46
N LEU B 128 -21.34 0.33 -7.63
CA LEU B 128 -21.41 -0.78 -8.62
C LEU B 128 -20.01 -1.10 -9.18
N ALA B 129 -19.21 -0.08 -9.49
CA ALA B 129 -17.80 -0.26 -9.92
C ALA B 129 -17.04 -1.07 -8.87
N CYS B 130 -17.22 -0.74 -7.59
N CYS B 130 -17.22 -0.74 -7.58
CA CYS B 130 -16.63 -1.46 -6.43
CA CYS B 130 -16.63 -1.46 -6.42
C CYS B 130 -17.04 -2.94 -6.47
C CYS B 130 -17.03 -2.94 -6.48
N GLY B 131 -18.32 -3.21 -6.66
CA GLY B 131 -18.84 -4.59 -6.75
C GLY B 131 -18.12 -5.39 -7.83
N VAL B 132 -17.90 -4.78 -8.99
CA VAL B 132 -17.18 -5.44 -10.12
C VAL B 132 -15.75 -5.73 -9.64
N ALA B 133 -15.07 -4.73 -9.08
CA ALA B 133 -13.66 -4.80 -8.61
C ALA B 133 -13.50 -5.96 -7.61
N LEU B 134 -14.48 -6.18 -6.72
CA LEU B 134 -14.45 -7.23 -5.66
C LEU B 134 -14.81 -8.61 -6.22
N GLY B 135 -15.37 -8.68 -7.43
CA GLY B 135 -15.91 -9.93 -8.00
C GLY B 135 -17.29 -10.26 -7.46
N ALA B 136 -17.93 -9.32 -6.75
CA ALA B 136 -19.32 -9.45 -6.22
C ALA B 136 -20.31 -9.40 -7.38
N LEU B 137 -20.09 -8.49 -8.33
CA LEU B 137 -20.89 -8.31 -9.58
C LEU B 137 -20.06 -8.77 -10.78
N ARG B 138 -20.73 -9.35 -11.78
CA ARG B 138 -20.15 -9.62 -13.12
C ARG B 138 -19.72 -8.27 -13.72
N SER B 139 -18.59 -8.25 -14.43
CA SER B 139 -18.12 -7.06 -15.20
C SER B 139 -19.25 -6.55 -16.10
N ASN B 140 -20.03 -7.45 -16.69
CA ASN B 140 -21.17 -7.13 -17.60
C ASN B 140 -22.51 -7.20 -16.86
N TYR B 141 -22.56 -6.76 -15.60
CA TYR B 141 -23.82 -6.79 -14.79
C TYR B 141 -24.90 -6.00 -15.54
N GLU B 142 -26.17 -6.32 -15.28
CA GLU B 142 -27.33 -5.60 -15.85
C GLU B 142 -28.08 -4.87 -14.72
N VAL B 143 -28.34 -3.58 -14.89
CA VAL B 143 -29.19 -2.78 -13.95
C VAL B 143 -30.65 -2.89 -14.39
N LYS B 144 -31.54 -3.23 -13.45
CA LYS B 144 -33.00 -3.27 -13.67
C LYS B 144 -33.63 -2.26 -12.71
N GLY B 145 -34.66 -1.56 -13.16
CA GLY B 145 -35.57 -0.86 -12.24
C GLY B 145 -36.39 -1.88 -11.45
N HIS B 146 -36.72 -1.57 -10.20
CA HIS B 146 -37.62 -2.42 -9.36
C HIS B 146 -38.87 -2.79 -10.17
N ARG B 147 -39.49 -1.79 -10.81
CA ARG B 147 -40.74 -1.94 -11.62
C ARG B 147 -40.51 -2.86 -12.83
N ASP B 148 -39.27 -3.12 -13.26
CA ASP B 148 -39.00 -4.01 -14.43
C ASP B 148 -39.11 -5.48 -14.02
N VAL B 149 -39.07 -5.80 -12.73
CA VAL B 149 -39.03 -7.21 -12.23
C VAL B 149 -40.15 -7.47 -11.23
N GLN B 150 -40.85 -6.43 -10.80
CA GLN B 150 -41.97 -6.51 -9.82
C GLN B 150 -43.01 -5.45 -10.17
N PRO B 151 -44.29 -5.69 -9.82
CA PRO B 151 -45.35 -4.70 -10.05
C PRO B 151 -45.29 -3.66 -8.92
N THR B 152 -44.68 -2.52 -9.22
CA THR B 152 -44.45 -1.40 -8.28
C THR B 152 -44.12 -0.17 -9.11
N LEU B 153 -44.30 1.02 -8.53
CA LEU B 153 -43.84 2.30 -9.13
C LEU B 153 -42.35 2.51 -8.83
N SER B 154 -41.83 1.86 -7.78
CA SER B 154 -40.37 1.82 -7.43
C SER B 154 -39.55 1.61 -8.70
N PRO B 155 -38.48 2.40 -8.99
CA PRO B 155 -37.91 3.37 -8.05
C PRO B 155 -38.41 4.82 -8.16
N GLY B 156 -39.64 5.03 -8.61
CA GLY B 156 -40.19 6.37 -8.89
C GLY B 156 -39.88 6.80 -10.32
N ASP B 157 -40.82 7.49 -10.97
CA ASP B 157 -40.76 7.82 -12.42
C ASP B 157 -39.45 8.56 -12.74
N ARG B 158 -39.10 9.59 -11.95
CA ARG B 158 -37.95 10.48 -12.25
C ARG B 158 -36.64 9.68 -12.14
N LEU B 159 -36.49 8.88 -11.09
CA LEU B 159 -35.26 8.05 -10.89
C LEU B 159 -35.23 6.94 -11.93
N TYR B 160 -36.39 6.34 -12.25
CA TYR B 160 -36.50 5.29 -13.29
C TYR B 160 -35.96 5.83 -14.63
N GLU B 161 -36.36 7.04 -15.02
CA GLU B 161 -35.95 7.64 -16.33
C GLU B 161 -34.43 7.85 -16.34
N ILE B 162 -33.82 8.20 -15.20
CA ILE B 162 -32.34 8.39 -15.09
C ILE B 162 -31.66 7.04 -15.28
N ILE B 163 -32.07 5.99 -14.56
CA ILE B 163 -31.33 4.69 -14.61
C ILE B 163 -31.49 4.07 -16.01
N GLN B 164 -32.53 4.43 -16.76
CA GLN B 164 -32.72 3.95 -18.17
C GLN B 164 -31.56 4.42 -19.05
N THR B 165 -30.91 5.55 -18.70
CA THR B 165 -29.78 6.15 -19.46
C THR B 165 -28.44 5.49 -19.12
N TRP B 166 -28.36 4.70 -18.03
CA TRP B 166 -27.10 4.08 -17.55
C TRP B 166 -26.61 3.05 -18.57
N SER B 167 -25.28 2.98 -18.76
CA SER B 167 -24.61 2.05 -19.70
C SER B 167 -25.04 0.61 -19.42
N HIS B 168 -25.17 0.21 -18.16
CA HIS B 168 -25.46 -1.19 -17.74
C HIS B 168 -26.98 -1.46 -17.65
N TYR B 169 -27.84 -0.46 -17.89
CA TYR B 169 -29.32 -0.68 -17.90
C TYR B 169 -29.73 -1.62 -19.03
N ARG B 170 -30.61 -2.57 -18.71
CA ARG B 170 -31.22 -3.54 -19.65
C ARG B 170 -32.69 -3.77 -19.24
N ALA B 171 -33.64 -3.33 -20.07
CA ALA B 171 -35.11 -3.44 -19.82
C ALA B 171 -35.52 -4.91 -19.75
N CYS C 6 39.51 15.38 -0.79
CA CYS C 6 38.94 14.03 -0.49
C CYS C 6 38.04 13.54 -1.63
N GLY C 7 37.32 14.47 -2.29
CA GLY C 7 36.37 14.17 -3.38
C GLY C 7 37.06 13.68 -4.63
N SER C 8 37.24 12.36 -4.75
CA SER C 8 37.62 11.61 -5.98
C SER C 8 36.39 10.83 -6.49
N ILE C 9 35.21 11.42 -6.28
CA ILE C 9 33.88 10.79 -6.49
C ILE C 9 33.37 11.17 -7.89
N VAL C 10 32.92 10.17 -8.65
CA VAL C 10 32.18 10.36 -9.93
C VAL C 10 30.79 10.87 -9.57
N PRO C 11 30.44 12.13 -9.92
CA PRO C 11 29.14 12.68 -9.57
C PRO C 11 27.99 12.06 -10.38
N ARG C 12 26.76 12.19 -9.88
CA ARG C 12 25.54 11.58 -10.47
C ARG C 12 25.50 11.82 -11.98
N ARG C 13 25.62 13.08 -12.41
CA ARG C 13 25.46 13.50 -13.83
C ARG C 13 26.47 12.77 -14.70
N GLU C 14 27.68 12.56 -14.20
CA GLU C 14 28.79 11.97 -14.98
C GLU C 14 28.50 10.50 -15.31
N TRP C 15 27.79 9.75 -14.45
CA TRP C 15 27.41 8.35 -14.76
C TRP C 15 25.98 8.29 -15.32
N ARG C 16 25.39 9.46 -15.62
CA ARG C 16 24.11 9.62 -16.37
C ARG C 16 22.97 9.05 -15.54
N ALA C 17 22.99 9.35 -14.24
CA ALA C 17 21.98 8.91 -13.25
C ALA C 17 20.66 9.57 -13.58
N LEU C 18 19.56 8.81 -13.53
CA LEU C 18 18.19 9.37 -13.46
C LEU C 18 18.18 10.30 -12.26
N ALA C 19 17.40 11.37 -12.32
CA ALA C 19 17.26 12.36 -11.21
C ALA C 19 16.68 11.67 -9.98
N SER C 20 17.18 11.99 -8.79
CA SER C 20 16.68 11.46 -7.50
C SER C 20 15.33 12.09 -7.16
N GLU C 21 14.45 11.32 -6.52
CA GLU C 21 13.16 11.78 -5.94
C GLU C 21 13.23 11.66 -4.41
N CYS C 22 14.39 11.26 -3.88
CA CYS C 22 14.56 10.98 -2.42
C CYS C 22 14.60 12.31 -1.67
N ARG C 23 13.98 12.37 -0.48
CA ARG C 23 13.86 13.61 0.33
C ARG C 23 14.38 13.38 1.75
N GLU C 24 14.25 12.19 2.31
CA GLU C 24 14.63 11.84 3.71
C GLU C 24 16.12 12.12 3.96
N ARG C 25 16.47 12.97 4.92
CA ARG C 25 17.88 13.36 5.19
C ARG C 25 18.45 12.51 6.34
N LEU C 26 19.72 12.17 6.27
CA LEU C 26 20.54 11.66 7.41
C LEU C 26 20.99 12.86 8.26
N THR C 27 21.25 12.63 9.54
CA THR C 27 21.77 13.66 10.48
C THR C 27 23.29 13.45 10.61
N ARG C 28 24.07 14.39 10.11
CA ARG C 28 25.55 14.30 10.25
C ARG C 28 25.92 14.74 11.67
N PRO C 29 26.99 14.18 12.28
CA PRO C 29 27.81 13.15 11.67
C PRO C 29 27.16 11.76 11.85
N VAL C 30 27.29 10.91 10.81
CA VAL C 30 26.68 9.55 10.75
C VAL C 30 27.64 8.56 11.42
N ARG C 31 27.11 7.70 12.30
CA ARG C 31 27.94 6.80 13.15
C ARG C 31 28.32 5.52 12.41
N TYR C 32 27.49 5.04 11.48
CA TYR C 32 27.60 3.66 10.92
C TYR C 32 27.80 3.68 9.41
N VAL C 33 28.67 2.80 8.93
CA VAL C 33 28.81 2.45 7.50
C VAL C 33 28.40 0.98 7.32
N VAL C 34 27.50 0.70 6.40
CA VAL C 34 27.11 -0.71 6.08
C VAL C 34 27.67 -1.04 4.71
N VAL C 35 28.49 -2.09 4.63
CA VAL C 35 29.14 -2.54 3.37
C VAL C 35 28.33 -3.68 2.77
N SER C 36 27.82 -3.47 1.56
CA SER C 36 27.08 -4.46 0.73
C SER C 36 27.89 -4.76 -0.53
N HIS C 37 27.43 -5.76 -1.28
CA HIS C 37 27.76 -5.94 -2.72
C HIS C 37 26.45 -5.82 -3.48
N THR C 38 26.54 -5.51 -4.78
CA THR C 38 25.36 -5.45 -5.68
C THR C 38 24.93 -6.88 -6.05
N ALA C 39 25.81 -7.87 -5.85
CA ALA C 39 25.68 -9.24 -6.41
C ALA C 39 25.42 -9.15 -7.92
N GLY C 40 25.79 -8.02 -8.54
CA GLY C 40 25.59 -7.73 -9.98
C GLY C 40 26.85 -8.02 -10.75
N SER C 41 26.87 -7.71 -12.05
CA SER C 41 28.11 -7.83 -12.87
C SER C 41 29.14 -6.85 -12.32
N HIS C 42 30.41 -7.25 -12.31
CA HIS C 42 31.56 -6.36 -11.98
C HIS C 42 31.96 -5.58 -13.24
N CYS C 43 32.85 -4.61 -13.06
CA CYS C 43 33.24 -3.61 -14.10
C CYS C 43 34.61 -3.05 -13.69
N ASP C 44 35.53 -2.88 -14.63
CA ASP C 44 36.92 -2.49 -14.27
C ASP C 44 37.43 -1.36 -15.18
N THR C 45 36.51 -0.62 -15.79
CA THR C 45 36.82 0.59 -16.59
C THR C 45 35.79 1.65 -16.22
N PRO C 46 36.19 2.94 -16.20
CA PRO C 46 35.25 4.03 -15.96
C PRO C 46 33.99 3.94 -16.83
N ALA C 47 34.17 3.55 -18.09
CA ALA C 47 33.06 3.38 -19.07
C ALA C 47 32.12 2.27 -18.57
N SER C 48 32.65 1.10 -18.24
CA SER C 48 31.82 -0.08 -17.88
C SER C 48 31.16 0.13 -16.52
N CYS C 49 31.85 0.75 -15.56
CA CYS C 49 31.32 1.04 -14.18
C CYS C 49 30.26 2.14 -14.20
N ALA C 50 30.36 3.15 -15.05
CA ALA C 50 29.30 4.17 -15.21
C ALA C 50 28.00 3.49 -15.67
N GLN C 51 28.11 2.57 -16.63
CA GLN C 51 26.99 1.73 -17.17
C GLN C 51 26.44 0.86 -16.03
N GLN C 52 27.31 0.22 -15.24
CA GLN C 52 26.90 -0.70 -14.16
C GLN C 52 26.10 0.08 -13.12
N ALA C 53 26.57 1.27 -12.72
CA ALA C 53 25.86 2.16 -11.76
C ALA C 53 24.48 2.50 -12.34
N GLN C 54 24.40 2.71 -13.65
CA GLN C 54 23.10 3.00 -14.34
C GLN C 54 22.17 1.79 -14.21
N ASN C 55 22.71 0.60 -14.41
CA ASN C 55 21.96 -0.69 -14.37
C ASN C 55 21.43 -0.92 -12.94
N VAL C 56 22.28 -0.76 -11.94
CA VAL C 56 21.87 -0.91 -10.52
C VAL C 56 20.74 0.09 -10.23
N GLN C 57 20.91 1.35 -10.63
CA GLN C 57 19.89 2.40 -10.39
C GLN C 57 18.59 2.04 -11.12
N SER C 58 18.70 1.56 -12.36
CA SER C 58 17.54 1.13 -13.19
C SER C 58 16.73 0.09 -12.41
N TYR C 59 17.38 -0.97 -11.91
CA TYR C 59 16.73 -2.02 -11.09
C TYR C 59 15.95 -1.36 -9.95
N HIS C 60 16.57 -0.44 -9.20
CA HIS C 60 15.97 0.12 -7.96
C HIS C 60 14.83 1.08 -8.31
N VAL C 61 15.02 1.90 -9.35
CA VAL C 61 14.04 2.98 -9.71
C VAL C 61 12.91 2.39 -10.55
N ARG C 62 13.24 1.66 -11.62
CA ARG C 62 12.24 1.18 -12.62
C ARG C 62 11.46 -0.01 -12.06
N ASN C 63 12.16 -1.01 -11.51
CA ASN C 63 11.57 -2.31 -11.09
C ASN C 63 11.01 -2.20 -9.67
N LEU C 64 11.78 -1.66 -8.73
CA LEU C 64 11.38 -1.61 -7.29
C LEU C 64 10.60 -0.33 -7.01
N GLY C 65 10.61 0.64 -7.93
CA GLY C 65 9.84 1.89 -7.80
C GLY C 65 10.42 2.82 -6.75
N TRP C 66 11.72 2.71 -6.45
CA TRP C 66 12.38 3.52 -5.40
C TRP C 66 12.72 4.92 -5.91
N CYS C 67 12.93 5.84 -4.97
CA CYS C 67 13.18 7.27 -5.26
C CYS C 67 14.53 7.47 -5.94
N ASP C 68 15.43 6.49 -5.82
CA ASP C 68 16.82 6.53 -6.36
C ASP C 68 17.47 5.18 -6.13
N VAL C 69 18.64 4.94 -6.70
CA VAL C 69 19.53 3.82 -6.31
C VAL C 69 19.60 3.85 -4.77
N GLY C 70 19.58 2.68 -4.14
CA GLY C 70 19.36 2.55 -2.68
C GLY C 70 20.61 2.92 -1.89
N TYR C 71 21.78 2.77 -2.50
CA TYR C 71 23.10 2.97 -1.85
C TYR C 71 23.49 4.45 -1.85
N ASN C 72 24.21 4.86 -0.81
CA ASN C 72 24.76 6.24 -0.69
C ASN C 72 25.91 6.41 -1.67
N PHE C 73 26.75 5.38 -1.80
CA PHE C 73 27.85 5.34 -2.80
C PHE C 73 28.02 3.92 -3.31
N LEU C 74 28.48 3.79 -4.57
CA LEU C 74 28.88 2.50 -5.17
C LEU C 74 30.38 2.55 -5.43
N ILE C 75 31.04 1.39 -5.34
CA ILE C 75 32.52 1.24 -5.53
C ILE C 75 32.77 0.37 -6.76
N GLY C 76 33.53 0.88 -7.72
CA GLY C 76 33.90 0.12 -8.93
C GLY C 76 35.23 -0.55 -8.77
N GLU C 77 35.44 -1.65 -9.50
CA GLU C 77 36.75 -2.35 -9.65
C GLU C 77 37.68 -1.50 -10.53
N ASP C 78 37.15 -0.43 -11.14
CA ASP C 78 37.94 0.64 -11.82
C ASP C 78 38.65 1.52 -10.79
N GLY C 79 38.32 1.37 -9.50
CA GLY C 79 38.98 2.12 -8.41
C GLY C 79 38.35 3.49 -8.17
N LEU C 80 37.20 3.77 -8.78
CA LEU C 80 36.43 5.01 -8.62
C LEU C 80 35.20 4.76 -7.75
N VAL C 81 34.78 5.81 -7.04
CA VAL C 81 33.53 5.86 -6.25
C VAL C 81 32.47 6.53 -7.09
N TYR C 82 31.28 5.94 -7.16
CA TYR C 82 30.10 6.48 -7.87
C TYR C 82 29.15 7.07 -6.83
N GLU C 83 28.80 8.34 -7.01
CA GLU C 83 27.84 9.04 -6.13
C GLU C 83 26.47 8.36 -6.26
N GLY C 84 25.92 7.88 -5.15
CA GLY C 84 24.52 7.45 -5.04
C GLY C 84 23.69 8.55 -4.42
N ARG C 85 23.01 8.25 -3.32
CA ARG C 85 22.23 9.25 -2.57
C ARG C 85 23.17 10.21 -1.80
N GLY C 86 24.45 9.88 -1.69
CA GLY C 86 25.48 10.76 -1.10
C GLY C 86 25.43 10.81 0.42
N TRP C 87 26.05 11.82 1.01
CA TRP C 87 26.32 11.92 2.48
C TRP C 87 25.04 12.29 3.22
N ASN C 88 24.08 12.94 2.56
CA ASN C 88 23.03 13.72 3.25
C ASN C 88 21.65 13.04 3.15
N ILE C 89 21.47 12.06 2.27
CA ILE C 89 20.14 11.46 1.98
C ILE C 89 20.12 10.00 2.47
N LYS C 90 19.13 9.66 3.29
CA LYS C 90 18.89 8.28 3.79
C LYS C 90 18.84 7.31 2.60
N GLY C 91 19.63 6.25 2.68
CA GLY C 91 19.65 5.18 1.68
C GLY C 91 18.51 4.18 1.90
N ALA C 92 18.45 3.19 1.02
CA ALA C 92 17.64 1.96 1.12
C ALA C 92 18.54 0.77 0.81
N HIS C 93 19.25 0.26 1.83
CA HIS C 93 20.34 -0.72 1.65
C HIS C 93 20.47 -1.70 2.83
N ALA C 94 19.92 -1.41 4.01
CA ALA C 94 20.14 -2.21 5.24
C ALA C 94 18.88 -2.29 6.11
N GLY C 95 17.70 -1.98 5.57
CA GLY C 95 16.42 -2.11 6.29
C GLY C 95 16.14 -0.91 7.20
N PRO C 96 14.94 -0.90 7.84
CA PRO C 96 14.42 0.31 8.48
C PRO C 96 15.11 0.75 9.78
N THR C 97 15.92 -0.11 10.41
CA THR C 97 16.64 0.21 11.66
C THR C 97 17.95 0.92 11.29
N TRP C 98 18.65 0.43 10.27
CA TRP C 98 20.04 0.87 9.92
C TRP C 98 20.05 1.98 8.86
N ASN C 99 19.07 2.01 7.95
CA ASN C 99 18.99 3.02 6.84
C ASN C 99 19.07 4.44 7.42
N PRO C 100 18.23 4.80 8.42
CA PRO C 100 18.26 6.16 8.95
C PRO C 100 19.53 6.60 9.72
N ILE C 101 20.46 5.69 10.04
CA ILE C 101 21.61 5.99 10.95
C ILE C 101 22.93 5.55 10.32
N SER C 102 22.94 5.24 9.02
CA SER C 102 24.12 4.67 8.33
C SER C 102 24.32 5.31 6.95
N ILE C 103 25.55 5.20 6.47
CA ILE C 103 25.94 5.32 5.05
C ILE C 103 26.09 3.88 4.53
N GLY C 104 25.39 3.57 3.45
CA GLY C 104 25.49 2.30 2.71
C GLY C 104 26.40 2.47 1.51
N ILE C 105 27.52 1.76 1.49
CA ILE C 105 28.44 1.71 0.33
C ILE C 105 28.37 0.27 -0.21
N SER C 106 28.19 0.14 -1.53
CA SER C 106 28.04 -1.15 -2.22
C SER C 106 29.15 -1.31 -3.25
N PHE C 107 29.94 -2.37 -3.12
CA PHE C 107 30.90 -2.81 -4.16
C PHE C 107 30.10 -3.43 -5.32
N MET C 108 30.32 -2.94 -6.54
CA MET C 108 29.59 -3.41 -7.76
C MET C 108 30.23 -4.72 -8.20
N GLY C 109 29.52 -5.82 -7.96
CA GLY C 109 29.99 -7.19 -8.26
C GLY C 109 29.48 -8.20 -7.27
N ASN C 110 29.95 -9.45 -7.41
CA ASN C 110 29.62 -10.56 -6.48
C ASN C 110 30.94 -11.07 -5.90
N TYR C 111 31.09 -10.92 -4.58
CA TYR C 111 32.35 -11.19 -3.84
C TYR C 111 32.15 -12.41 -2.95
N MET C 112 31.30 -13.35 -3.39
CA MET C 112 31.12 -14.66 -2.72
C MET C 112 32.41 -15.47 -2.89
N ASN C 113 32.94 -15.58 -4.11
CA ASN C 113 34.17 -16.36 -4.44
C ASN C 113 35.20 -15.51 -5.18
N ARG C 114 35.29 -14.21 -4.86
CA ARG C 114 36.40 -13.33 -5.33
C ARG C 114 36.46 -12.06 -4.48
N VAL C 115 37.66 -11.48 -4.40
CA VAL C 115 37.92 -10.21 -3.67
C VAL C 115 37.83 -9.04 -4.66
N PRO C 116 37.46 -7.84 -4.19
CA PRO C 116 37.66 -6.63 -4.98
C PRO C 116 39.17 -6.43 -5.10
N PRO C 117 39.66 -5.85 -6.23
CA PRO C 117 41.10 -5.59 -6.37
C PRO C 117 41.52 -4.48 -5.41
N PRO C 118 42.81 -4.39 -5.03
CA PRO C 118 43.24 -3.37 -4.09
C PRO C 118 42.73 -1.94 -4.37
N ARG C 119 42.61 -1.54 -5.64
CA ARG C 119 42.19 -0.15 -5.99
C ARG C 119 40.74 0.06 -5.55
N ALA C 120 39.88 -0.96 -5.66
CA ALA C 120 38.48 -0.89 -5.18
C ALA C 120 38.47 -0.71 -3.66
N LEU C 121 39.29 -1.46 -2.95
CA LEU C 121 39.39 -1.40 -1.46
C LEU C 121 39.92 -0.02 -1.07
N ARG C 122 40.94 0.48 -1.77
CA ARG C 122 41.53 1.82 -1.52
C ARG C 122 40.45 2.89 -1.72
N ALA C 123 39.69 2.82 -2.81
CA ALA C 123 38.59 3.76 -3.13
C ALA C 123 37.63 3.83 -1.94
N ALA C 124 37.25 2.68 -1.39
CA ALA C 124 36.27 2.56 -0.27
C ALA C 124 36.88 3.19 0.98
N GLN C 125 38.12 2.86 1.30
CA GLN C 125 38.82 3.36 2.52
C GLN C 125 38.99 4.87 2.41
N ASN C 126 39.35 5.39 1.23
CA ASN C 126 39.56 6.84 0.99
C ASN C 126 38.20 7.55 1.01
N LEU C 127 37.13 6.94 0.47
CA LEU C 127 35.77 7.50 0.58
C LEU C 127 35.46 7.75 2.07
N LEU C 128 35.74 6.77 2.92
CA LEU C 128 35.37 6.87 4.36
C LEU C 128 36.22 7.95 5.05
N ALA C 129 37.53 8.01 4.75
CA ALA C 129 38.43 9.08 5.24
C ALA C 129 37.86 10.46 4.87
N CYS C 130 37.40 10.61 3.62
CA CYS C 130 36.76 11.84 3.07
C CYS C 130 35.55 12.18 3.95
N GLY C 131 34.68 11.20 4.20
CA GLY C 131 33.47 11.39 5.02
C GLY C 131 33.83 11.97 6.39
N VAL C 132 34.89 11.43 7.02
CA VAL C 132 35.35 11.92 8.35
C VAL C 132 35.77 13.38 8.18
N ALA C 133 36.63 13.66 7.21
CA ALA C 133 37.20 15.00 6.93
C ALA C 133 36.08 16.04 6.74
N LEU C 134 34.99 15.66 6.09
CA LEU C 134 33.81 16.56 5.80
C LEU C 134 32.91 16.71 7.03
N GLY C 135 33.05 15.87 8.04
CA GLY C 135 32.10 15.79 9.17
C GLY C 135 30.83 15.01 8.82
N ALA C 136 30.80 14.30 7.69
CA ALA C 136 29.66 13.45 7.25
C ALA C 136 29.60 12.19 8.13
N LEU C 137 30.77 11.63 8.44
CA LEU C 137 30.95 10.43 9.32
C LEU C 137 31.62 10.88 10.61
N ARG C 138 31.24 10.28 11.74
CA ARG C 138 31.98 10.41 13.03
C ARG C 138 33.40 9.87 12.82
N SER C 139 34.40 10.51 13.43
CA SER C 139 35.82 10.05 13.39
C SER C 139 35.89 8.57 13.82
N ASN C 140 35.05 8.16 14.79
CA ASN C 140 34.99 6.78 15.31
C ASN C 140 33.83 6.00 14.68
N TYR C 141 33.55 6.19 13.39
CA TYR C 141 32.46 5.48 12.68
C TYR C 141 32.70 3.96 12.81
N GLU C 142 31.62 3.19 12.73
CA GLU C 142 31.66 1.71 12.81
C GLU C 142 31.23 1.12 11.47
N VAL C 143 32.05 0.21 10.91
CA VAL C 143 31.73 -0.54 9.67
C VAL C 143 30.99 -1.82 10.06
N LYS C 144 29.85 -2.09 9.41
CA LYS C 144 29.10 -3.36 9.54
C LYS C 144 29.06 -4.01 8.18
N GLY C 145 29.17 -5.34 8.12
CA GLY C 145 28.77 -6.09 6.91
C GLY C 145 27.26 -6.06 6.76
N HIS C 146 26.75 -6.05 5.54
CA HIS C 146 25.29 -6.13 5.25
C HIS C 146 24.70 -7.29 6.06
N ARG C 147 25.35 -8.46 6.00
CA ARG C 147 24.89 -9.71 6.66
C ARG C 147 24.87 -9.57 8.20
N ASP C 148 25.57 -8.57 8.78
CA ASP C 148 25.58 -8.39 10.26
C ASP C 148 24.30 -7.72 10.75
N VAL C 149 23.54 -7.08 9.86
CA VAL C 149 22.36 -6.25 10.25
C VAL C 149 21.11 -6.72 9.49
N GLN C 150 21.26 -7.60 8.51
CA GLN C 150 20.17 -8.15 7.68
C GLN C 150 20.52 -9.58 7.28
N PRO C 151 19.51 -10.45 7.06
CA PRO C 151 19.75 -11.82 6.61
C PRO C 151 20.02 -11.81 5.10
N THR C 152 21.30 -11.92 4.75
CA THR C 152 21.79 -11.89 3.35
C THR C 152 23.22 -12.44 3.36
N LEU C 153 23.72 -12.86 2.20
CA LEU C 153 25.13 -13.24 2.01
C LEU C 153 25.98 -11.98 1.76
N SER C 154 25.35 -10.90 1.27
CA SER C 154 25.96 -9.56 1.10
C SER C 154 26.82 -9.23 2.33
N PRO C 155 28.09 -8.78 2.18
CA PRO C 155 28.68 -8.40 0.89
C PRO C 155 29.52 -9.46 0.16
N GLY C 156 29.17 -10.73 0.33
CA GLY C 156 29.94 -11.87 -0.24
C GLY C 156 31.03 -12.31 0.73
N ASP C 157 31.26 -13.63 0.84
CA ASP C 157 32.16 -14.24 1.86
C ASP C 157 33.55 -13.59 1.81
N ARG C 158 34.14 -13.46 0.63
CA ARG C 158 35.55 -13.00 0.48
C ARG C 158 35.67 -11.54 0.93
N LEU C 159 34.75 -10.68 0.50
CA LEU C 159 34.74 -9.25 0.87
C LEU C 159 34.39 -9.12 2.36
N TYR C 160 33.44 -9.93 2.86
CA TYR C 160 33.06 -9.95 4.30
C TYR C 160 34.31 -10.22 5.15
N GLU C 161 35.13 -11.20 4.78
CA GLU C 161 36.36 -11.59 5.52
C GLU C 161 37.32 -10.40 5.60
N ILE C 162 37.43 -9.65 4.50
CA ILE C 162 38.34 -8.47 4.41
C ILE C 162 37.83 -7.37 5.37
N ILE C 163 36.54 -7.01 5.31
CA ILE C 163 36.03 -5.84 6.10
C ILE C 163 36.10 -6.20 7.59
N GLN C 164 36.07 -7.48 7.96
CA GLN C 164 36.21 -7.93 9.37
C GLN C 164 37.56 -7.51 9.95
N THR C 165 38.58 -7.34 9.10
CA THR C 165 39.97 -6.96 9.50
C THR C 165 40.10 -5.44 9.68
N TRP C 166 39.15 -4.63 9.18
CA TRP C 166 39.26 -3.15 9.13
C TRP C 166 39.27 -2.58 10.54
N SER C 167 40.06 -1.53 10.74
CA SER C 167 40.17 -0.73 11.98
C SER C 167 38.79 -0.41 12.56
N HIS C 168 37.88 0.04 11.70
CA HIS C 168 36.56 0.60 12.07
C HIS C 168 35.48 -0.49 12.11
N TYR C 169 35.79 -1.75 11.75
CA TYR C 169 34.82 -2.87 11.83
C TYR C 169 34.41 -3.14 13.28
N ARG C 170 33.10 -3.33 13.49
CA ARG C 170 32.47 -3.71 14.78
C ARG C 170 31.30 -4.65 14.48
N ALA C 171 31.38 -5.91 14.91
CA ALA C 171 30.34 -6.95 14.67
C ALA C 171 29.06 -6.54 15.43
N CYS D 6 -6.25 -29.42 5.30
CA CYS D 6 -5.10 -28.76 4.60
C CYS D 6 -3.80 -28.89 5.42
N GLY D 7 -2.68 -29.06 4.72
CA GLY D 7 -1.32 -28.81 5.24
C GLY D 7 -0.87 -29.86 6.23
N SER D 8 0.28 -30.49 5.96
CA SER D 8 1.11 -31.27 6.92
C SER D 8 2.35 -30.45 7.31
N ILE D 9 2.14 -29.52 8.25
CA ILE D 9 3.14 -28.52 8.70
C ILE D 9 3.86 -29.08 9.93
N VAL D 10 5.20 -29.04 9.91
CA VAL D 10 6.05 -29.35 11.10
C VAL D 10 5.90 -28.17 12.05
N PRO D 11 5.31 -28.35 13.24
CA PRO D 11 5.07 -27.24 14.16
C PRO D 11 6.37 -26.79 14.83
N ARG D 12 6.37 -25.56 15.39
CA ARG D 12 7.56 -24.91 15.98
C ARG D 12 8.29 -25.88 16.91
N ARG D 13 7.58 -26.46 17.88
CA ARG D 13 8.15 -27.31 18.96
C ARG D 13 8.85 -28.52 18.33
N GLU D 14 8.31 -29.08 17.26
CA GLU D 14 8.85 -30.31 16.62
C GLU D 14 10.24 -30.03 16.03
N TRP D 15 10.52 -28.83 15.50
CA TRP D 15 11.87 -28.49 14.97
C TRP D 15 12.69 -27.77 16.04
N ARG D 16 12.19 -27.72 17.27
CA ARG D 16 12.94 -27.30 18.50
C ARG D 16 13.24 -25.81 18.39
N ALA D 17 12.26 -25.03 17.91
CA ALA D 17 12.34 -23.57 17.72
C ALA D 17 12.45 -22.92 19.08
N LEU D 18 13.33 -21.93 19.21
CA LEU D 18 13.29 -20.96 20.32
C LEU D 18 11.89 -20.35 20.31
N ALA D 19 11.35 -20.00 21.46
CA ALA D 19 10.02 -19.34 21.60
C ALA D 19 10.03 -17.99 20.85
N SER D 20 8.94 -17.67 20.16
CA SER D 20 8.74 -16.37 19.47
C SER D 20 8.52 -15.26 20.49
N GLU D 21 9.01 -14.06 20.19
CA GLU D 21 8.73 -12.81 20.95
C GLU D 21 7.92 -11.87 20.05
N CYS D 22 7.57 -12.29 18.84
CA CYS D 22 6.90 -11.42 17.82
C CYS D 22 5.43 -11.23 18.24
N ARG D 23 4.91 -10.01 18.10
CA ARG D 23 3.55 -9.63 18.55
C ARG D 23 2.74 -9.03 17.39
N GLU D 24 3.39 -8.33 16.46
CA GLU D 24 2.73 -7.60 15.35
C GLU D 24 2.00 -8.61 14.45
N ARG D 25 0.69 -8.38 14.26
CA ARG D 25 -0.21 -9.29 13.52
C ARG D 25 -0.36 -8.83 12.07
N LEU D 26 -0.59 -9.78 11.16
CA LEU D 26 -1.07 -9.52 9.78
C LEU D 26 -2.59 -9.37 9.83
N THR D 27 -3.19 -8.71 8.83
CA THR D 27 -4.66 -8.63 8.65
C THR D 27 -5.09 -9.68 7.63
N ARG D 28 -5.77 -10.74 8.06
CA ARG D 28 -6.30 -11.76 7.14
C ARG D 28 -7.58 -11.21 6.51
N PRO D 29 -7.91 -11.52 5.24
CA PRO D 29 -7.06 -12.37 4.40
C PRO D 29 -5.92 -11.57 3.78
N VAL D 30 -4.74 -12.19 3.68
CA VAL D 30 -3.47 -11.57 3.18
C VAL D 30 -3.47 -11.70 1.66
N ARG D 31 -3.12 -10.61 0.96
CA ARG D 31 -3.21 -10.55 -0.53
C ARG D 31 -1.93 -11.13 -1.16
N TYR D 32 -0.77 -11.03 -0.51
CA TYR D 32 0.55 -11.27 -1.16
C TYR D 32 1.32 -12.41 -0.49
N VAL D 33 1.98 -13.21 -1.32
CA VAL D 33 2.99 -14.22 -0.90
C VAL D 33 4.31 -13.81 -1.53
N VAL D 34 5.36 -13.70 -0.72
CA VAL D 34 6.72 -13.42 -1.25
C VAL D 34 7.55 -14.68 -1.07
N VAL D 35 8.11 -15.20 -2.16
CA VAL D 35 8.95 -16.42 -2.16
C VAL D 35 10.42 -16.01 -2.14
N SER D 36 11.13 -16.42 -1.10
CA SER D 36 12.59 -16.28 -0.92
C SER D 36 13.26 -17.66 -0.95
N HIS D 37 14.59 -17.66 -0.96
CA HIS D 37 15.45 -18.79 -0.54
C HIS D 37 16.24 -18.31 0.68
N THR D 38 16.72 -19.25 1.49
CA THR D 38 17.58 -18.95 2.68
C THR D 38 19.00 -18.65 2.19
N ALA D 39 19.34 -19.01 0.95
CA ALA D 39 20.72 -19.03 0.41
C ALA D 39 21.62 -19.81 1.40
N GLY D 40 21.02 -20.67 2.23
CA GLY D 40 21.72 -21.48 3.24
C GLY D 40 21.99 -22.89 2.74
N SER D 41 22.51 -23.76 3.59
CA SER D 41 22.67 -25.20 3.25
C SER D 41 21.27 -25.78 2.99
N HIS D 42 21.17 -26.68 2.00
CA HIS D 42 19.93 -27.46 1.74
C HIS D 42 19.93 -28.68 2.66
N CYS D 43 18.82 -29.40 2.68
CA CYS D 43 18.53 -30.52 3.61
C CYS D 43 17.45 -31.37 2.97
N ASP D 44 17.55 -32.70 3.04
CA ASP D 44 16.58 -33.58 2.31
C ASP D 44 16.09 -34.72 3.22
N THR D 45 16.19 -34.54 4.54
CA THR D 45 15.66 -35.48 5.55
C THR D 45 14.99 -34.66 6.64
N PRO D 46 13.88 -35.15 7.23
CA PRO D 46 13.25 -34.48 8.36
C PRO D 46 14.24 -34.07 9.46
N ALA D 47 15.22 -34.94 9.75
CA ALA D 47 16.27 -34.70 10.76
C ALA D 47 17.11 -33.48 10.33
N SER D 48 17.62 -33.48 9.10
CA SER D 48 18.56 -32.43 8.61
C SER D 48 17.82 -31.09 8.45
N CYS D 49 16.55 -31.11 7.98
CA CYS D 49 15.73 -29.89 7.74
C CYS D 49 15.27 -29.27 9.07
N ALA D 50 14.96 -30.08 10.10
CA ALA D 50 14.63 -29.55 11.45
C ALA D 50 15.83 -28.74 11.98
N GLN D 51 17.04 -29.28 11.80
CA GLN D 51 18.33 -28.65 12.19
C GLN D 51 18.53 -27.37 11.38
N GLN D 52 18.27 -27.42 10.07
CA GLN D 52 18.46 -26.25 9.18
C GLN D 52 17.52 -25.11 9.63
N ALA D 53 16.25 -25.42 9.92
CA ALA D 53 15.26 -24.43 10.40
C ALA D 53 15.77 -23.81 11.71
N GLN D 54 16.40 -24.63 12.56
CA GLN D 54 16.99 -24.17 13.84
C GLN D 54 18.11 -23.16 13.55
N ASN D 55 18.96 -23.49 12.58
CA ASN D 55 20.15 -22.67 12.19
C ASN D 55 19.68 -21.32 11.64
N VAL D 56 18.69 -21.34 10.74
CA VAL D 56 18.13 -20.09 10.14
C VAL D 56 17.58 -19.23 11.30
N GLN D 57 16.81 -19.83 12.20
CA GLN D 57 16.21 -19.09 13.34
C GLN D 57 17.31 -18.53 14.24
N SER D 58 18.34 -19.33 14.51
CA SER D 58 19.50 -18.95 15.35
C SER D 58 20.09 -17.65 14.77
N TYR D 59 20.42 -17.64 13.49
CA TYR D 59 20.97 -16.44 12.78
C TYR D 59 20.07 -15.23 13.05
N HIS D 60 18.76 -15.37 12.87
CA HIS D 60 17.82 -14.22 12.93
C HIS D 60 17.65 -13.75 14.38
N VAL D 61 17.56 -14.68 15.33
CA VAL D 61 17.27 -14.36 16.77
C VAL D 61 18.58 -13.97 17.48
N ARG D 62 19.63 -14.77 17.36
CA ARG D 62 20.90 -14.57 18.13
C ARG D 62 21.69 -13.41 17.53
N ASN D 63 21.92 -13.42 16.22
CA ASN D 63 22.84 -12.48 15.53
C ASN D 63 22.14 -11.17 15.18
N LEU D 64 20.93 -11.24 14.61
CA LEU D 64 20.19 -10.03 14.14
C LEU D 64 19.32 -9.49 15.27
N GLY D 65 19.13 -10.26 16.35
CA GLY D 65 18.37 -9.80 17.54
C GLY D 65 16.88 -9.72 17.27
N TRP D 66 16.37 -10.48 16.28
CA TRP D 66 14.94 -10.44 15.89
C TRP D 66 14.09 -11.25 16.86
N CYS D 67 12.78 -10.95 16.88
CA CYS D 67 11.77 -11.56 17.77
C CYS D 67 11.58 -13.05 17.43
N ASP D 68 11.94 -13.47 16.21
CA ASP D 68 11.78 -14.87 15.73
C ASP D 68 12.46 -14.98 14.37
N VAL D 69 12.59 -16.20 13.84
CA VAL D 69 12.93 -16.42 12.40
C VAL D 69 12.00 -15.50 11.61
N GLY D 70 12.53 -14.87 10.55
CA GLY D 70 11.85 -13.79 9.83
C GLY D 70 10.74 -14.30 8.92
N TYR D 71 10.83 -15.56 8.48
CA TYR D 71 9.89 -16.15 7.49
C TYR D 71 8.63 -16.69 8.19
N ASN D 72 7.50 -16.61 7.50
CA ASN D 72 6.20 -17.16 8.00
C ASN D 72 6.24 -18.69 7.93
N PHE D 73 6.81 -19.24 6.87
CA PHE D 73 7.03 -20.70 6.71
C PHE D 73 8.34 -20.94 5.94
N LEU D 74 8.99 -22.07 6.21
CA LEU D 74 10.18 -22.56 5.47
C LEU D 74 9.79 -23.85 4.76
N ILE D 75 10.36 -24.10 3.58
CA ILE D 75 10.12 -25.30 2.75
C ILE D 75 11.39 -26.14 2.66
N GLY D 76 11.33 -27.40 3.09
CA GLY D 76 12.48 -28.33 3.02
C GLY D 76 12.48 -29.14 1.74
N GLU D 77 13.65 -29.56 1.30
CA GLU D 77 13.81 -30.53 0.18
C GLU D 77 13.40 -31.95 0.65
N ASP D 78 13.14 -32.11 1.94
CA ASP D 78 12.47 -33.30 2.53
C ASP D 78 10.97 -33.32 2.18
N GLY D 79 10.45 -32.23 1.59
CA GLY D 79 9.04 -32.13 1.13
C GLY D 79 8.08 -31.74 2.25
N LEU D 80 8.62 -31.31 3.40
CA LEU D 80 7.83 -30.82 4.56
C LEU D 80 7.91 -29.29 4.61
N VAL D 81 6.85 -28.70 5.16
CA VAL D 81 6.78 -27.25 5.52
C VAL D 81 7.13 -27.13 6.99
N TYR D 82 8.01 -26.18 7.33
CA TYR D 82 8.38 -25.83 8.71
C TYR D 82 7.65 -24.55 9.11
N GLU D 83 6.93 -24.62 10.22
CA GLU D 83 6.20 -23.46 10.77
C GLU D 83 7.21 -22.39 11.18
N GLY D 84 7.08 -21.18 10.63
CA GLY D 84 7.81 -19.99 11.11
C GLY D 84 6.92 -19.13 11.98
N ARG D 85 6.73 -17.87 11.61
CA ARG D 85 5.81 -16.95 12.32
C ARG D 85 4.36 -17.30 11.99
N GLY D 86 4.12 -18.13 10.98
CA GLY D 86 2.78 -18.66 10.63
C GLY D 86 1.91 -17.64 9.90
N TRP D 87 0.60 -17.88 9.89
CA TRP D 87 -0.38 -17.14 9.05
C TRP D 87 -0.66 -15.76 9.65
N ASN D 88 -0.46 -15.57 10.95
CA ASN D 88 -1.12 -14.47 11.70
C ASN D 88 -0.13 -13.39 12.12
N ILE D 89 1.18 -13.66 12.07
CA ILE D 89 2.23 -12.78 12.64
C ILE D 89 3.07 -12.21 11.50
N LYS D 90 3.19 -10.89 11.44
CA LYS D 90 4.01 -10.17 10.44
C LYS D 90 5.43 -10.74 10.46
N GLY D 91 5.93 -11.08 9.27
CA GLY D 91 7.29 -11.60 9.09
C GLY D 91 8.30 -10.48 9.01
N ALA D 92 9.57 -10.86 8.85
CA ALA D 92 10.70 -9.99 8.49
C ALA D 92 11.48 -10.68 7.36
N HIS D 93 11.05 -10.47 6.11
CA HIS D 93 11.53 -11.25 4.95
C HIS D 93 11.55 -10.44 3.64
N ALA D 94 10.84 -9.30 3.56
CA ALA D 94 10.64 -8.55 2.30
C ALA D 94 10.63 -7.03 2.53
N GLY D 95 11.11 -6.55 3.68
CA GLY D 95 11.26 -5.11 3.95
C GLY D 95 9.96 -4.49 4.45
N PRO D 96 10.00 -3.20 4.84
CA PRO D 96 8.91 -2.57 5.58
C PRO D 96 7.61 -2.29 4.81
N THR D 97 7.64 -2.34 3.48
CA THR D 97 6.42 -2.11 2.65
C THR D 97 5.66 -3.44 2.51
N TRP D 98 6.37 -4.55 2.31
CA TRP D 98 5.77 -5.86 1.95
C TRP D 98 5.51 -6.74 3.19
N ASN D 99 6.35 -6.64 4.22
CA ASN D 99 6.22 -7.44 5.47
C ASN D 99 4.81 -7.34 6.05
N PRO D 100 4.24 -6.12 6.26
CA PRO D 100 2.90 -6.00 6.83
C PRO D 100 1.71 -6.49 5.99
N ILE D 101 1.90 -6.84 4.71
CA ILE D 101 0.77 -7.17 3.78
C ILE D 101 1.03 -8.52 3.06
N SER D 102 1.99 -9.31 3.52
CA SER D 102 2.45 -10.54 2.82
C SER D 102 2.71 -11.69 3.80
N ILE D 103 2.65 -12.89 3.25
CA ILE D 103 3.22 -14.14 3.81
C ILE D 103 4.53 -14.39 3.09
N GLY D 104 5.61 -14.53 3.85
CA GLY D 104 6.96 -14.88 3.35
C GLY D 104 7.22 -16.35 3.55
N ILE D 105 7.37 -17.08 2.45
CA ILE D 105 7.78 -18.51 2.47
C ILE D 105 9.19 -18.57 1.87
N SER D 106 10.09 -19.28 2.55
CA SER D 106 11.51 -19.41 2.16
C SER D 106 11.84 -20.89 1.93
N PHE D 107 12.30 -21.22 0.74
CA PHE D 107 12.90 -22.54 0.43
C PHE D 107 14.30 -22.60 1.06
N MET D 108 14.56 -23.62 1.88
CA MET D 108 15.85 -23.79 2.60
C MET D 108 16.90 -24.35 1.65
N GLY D 109 17.83 -23.48 1.22
CA GLY D 109 18.87 -23.80 0.24
C GLY D 109 19.20 -22.62 -0.65
N ASN D 110 20.04 -22.85 -1.65
CA ASN D 110 20.43 -21.84 -2.67
C ASN D 110 20.01 -22.37 -4.04
N TYR D 111 19.11 -21.67 -4.71
CA TYR D 111 18.44 -22.09 -5.96
C TYR D 111 18.90 -21.18 -7.10
N MET D 112 20.14 -20.68 -7.01
CA MET D 112 20.77 -19.89 -8.10
C MET D 112 21.03 -20.81 -9.30
N ASN D 113 21.62 -21.99 -9.07
CA ASN D 113 21.99 -22.98 -10.15
C ASN D 113 21.44 -24.37 -9.79
N ARG D 114 20.25 -24.43 -9.20
CA ARG D 114 19.59 -25.66 -8.73
C ARG D 114 18.10 -25.42 -8.51
N VAL D 115 17.24 -26.40 -8.83
CA VAL D 115 15.78 -26.35 -8.54
C VAL D 115 15.50 -27.10 -7.25
N PRO D 116 14.46 -26.71 -6.48
CA PRO D 116 13.93 -27.58 -5.43
C PRO D 116 13.34 -28.80 -6.10
N PRO D 117 13.38 -29.99 -5.45
CA PRO D 117 12.78 -31.19 -6.04
C PRO D 117 11.26 -31.07 -6.05
N PRO D 118 10.53 -31.81 -6.94
CA PRO D 118 9.08 -31.72 -7.01
C PRO D 118 8.35 -31.74 -5.65
N ARG D 119 8.82 -32.53 -4.68
CA ARG D 119 8.15 -32.65 -3.36
C ARG D 119 8.19 -31.31 -2.63
N ALA D 120 9.30 -30.57 -2.74
CA ALA D 120 9.44 -29.23 -2.13
C ALA D 120 8.43 -28.26 -2.77
N LEU D 121 8.32 -28.30 -4.10
CA LEU D 121 7.41 -27.42 -4.87
C LEU D 121 5.96 -27.77 -4.52
N ARG D 122 5.65 -29.06 -4.41
CA ARG D 122 4.29 -29.56 -4.03
C ARG D 122 3.96 -29.03 -2.65
N ALA D 123 4.88 -29.19 -1.68
CA ALA D 123 4.70 -28.71 -0.30
C ALA D 123 4.32 -27.23 -0.30
N ALA D 124 5.02 -26.41 -1.09
CA ALA D 124 4.82 -24.94 -1.15
C ALA D 124 3.45 -24.64 -1.74
N GLN D 125 3.10 -25.30 -2.85
CA GLN D 125 1.81 -25.07 -3.56
C GLN D 125 0.66 -25.50 -2.66
N ASN D 126 0.80 -26.61 -1.95
CA ASN D 126 -0.24 -27.14 -1.02
C ASN D 126 -0.32 -26.23 0.21
N LEU D 127 0.79 -25.70 0.71
CA LEU D 127 0.77 -24.70 1.82
C LEU D 127 -0.14 -23.54 1.40
N LEU D 128 0.04 -23.02 0.19
CA LEU D 128 -0.72 -21.82 -0.27
C LEU D 128 -2.20 -22.18 -0.44
N ALA D 129 -2.53 -23.35 -1.00
CA ALA D 129 -3.93 -23.84 -1.11
C ALA D 129 -4.56 -23.86 0.28
N CYS D 130 -3.83 -24.38 1.28
CA CYS D 130 -4.26 -24.44 2.71
C CYS D 130 -4.56 -23.02 3.20
N GLY D 131 -3.67 -22.06 2.95
CA GLY D 131 -3.86 -20.65 3.34
C GLY D 131 -5.18 -20.10 2.82
N VAL D 132 -5.50 -20.38 1.54
CA VAL D 132 -6.78 -19.94 0.93
C VAL D 132 -7.92 -20.60 1.70
N ALA D 133 -7.87 -21.91 1.88
CA ALA D 133 -8.90 -22.74 2.56
C ALA D 133 -9.20 -22.18 3.96
N LEU D 134 -8.18 -21.71 4.68
CA LEU D 134 -8.29 -21.20 6.08
C LEU D 134 -8.79 -19.75 6.10
N GLY D 135 -8.77 -19.05 4.96
CA GLY D 135 -9.03 -17.60 4.90
C GLY D 135 -7.84 -16.76 5.34
N ALA D 136 -6.66 -17.37 5.47
CA ALA D 136 -5.38 -16.68 5.76
C ALA D 136 -4.94 -15.86 4.54
N LEU D 137 -5.09 -16.44 3.35
CA LEU D 137 -4.78 -15.81 2.03
C LEU D 137 -6.09 -15.54 1.29
N ARG D 138 -6.15 -14.43 0.54
CA ARG D 138 -7.25 -14.18 -0.42
C ARG D 138 -7.25 -15.28 -1.47
N SER D 139 -8.43 -15.69 -1.95
CA SER D 139 -8.58 -16.67 -3.05
C SER D 139 -7.73 -16.24 -4.26
N ASN D 140 -7.66 -14.93 -4.52
CA ASN D 140 -6.90 -14.34 -5.66
C ASN D 140 -5.55 -13.78 -5.16
N TYR D 141 -4.89 -14.44 -4.21
CA TYR D 141 -3.56 -13.98 -3.69
C TYR D 141 -2.58 -13.86 -4.86
N GLU D 142 -1.57 -13.01 -4.70
CA GLU D 142 -0.50 -12.81 -5.72
C GLU D 142 0.83 -13.29 -5.16
N VAL D 143 1.55 -14.13 -5.92
CA VAL D 143 2.92 -14.59 -5.58
C VAL D 143 3.92 -13.61 -6.19
N LYS D 144 4.86 -13.12 -5.39
CA LYS D 144 6.00 -12.29 -5.87
C LYS D 144 7.30 -13.05 -5.54
N GLY D 145 8.28 -12.96 -6.43
CA GLY D 145 9.67 -13.32 -6.08
C GLY D 145 10.23 -12.28 -5.11
N HIS D 146 11.10 -12.69 -4.18
CA HIS D 146 11.81 -11.78 -3.25
C HIS D 146 12.42 -10.62 -4.06
N ARG D 147 13.10 -10.95 -5.16
CA ARG D 147 13.79 -9.98 -6.06
C ARG D 147 12.80 -9.01 -6.72
N ASP D 148 11.49 -9.32 -6.76
CA ASP D 148 10.50 -8.42 -7.39
C ASP D 148 10.15 -7.25 -6.46
N VAL D 149 10.46 -7.35 -5.17
CA VAL D 149 10.00 -6.36 -4.15
C VAL D 149 11.21 -5.84 -3.36
N GLN D 150 12.39 -6.44 -3.53
CA GLN D 150 13.63 -6.08 -2.82
C GLN D 150 14.81 -6.35 -3.74
N PRO D 151 15.92 -5.60 -3.59
CA PRO D 151 17.12 -5.81 -4.40
C PRO D 151 17.91 -6.99 -3.83
N THR D 152 17.77 -8.15 -4.47
CA THR D 152 18.36 -9.44 -4.03
C THR D 152 18.28 -10.40 -5.21
N LEU D 153 19.10 -11.46 -5.19
CA LEU D 153 19.03 -12.60 -6.13
C LEU D 153 17.95 -13.59 -5.67
N SER D 154 17.63 -13.58 -4.37
CA SER D 154 16.53 -14.38 -3.76
C SER D 154 15.29 -14.29 -4.65
N PRO D 155 14.61 -15.41 -5.01
CA PRO D 155 14.87 -16.74 -4.46
C PRO D 155 15.80 -17.66 -5.25
N GLY D 156 16.77 -17.09 -5.97
CA GLY D 156 17.68 -17.85 -6.86
C GLY D 156 17.08 -17.97 -8.24
N ASP D 157 17.89 -17.87 -9.29
CA ASP D 157 17.45 -17.78 -10.71
C ASP D 157 16.53 -18.96 -11.05
N ARG D 158 16.92 -20.18 -10.71
CA ARG D 158 16.18 -21.41 -11.13
C ARG D 158 14.81 -21.44 -10.46
N LEU D 159 14.74 -21.18 -9.15
CA LEU D 159 13.47 -21.15 -8.40
C LEU D 159 12.62 -19.95 -8.86
N TYR D 160 13.24 -18.80 -9.12
CA TYR D 160 12.53 -17.60 -9.64
C TYR D 160 11.81 -17.95 -10.95
N GLU D 161 12.49 -18.64 -11.87
CA GLU D 161 11.93 -19.05 -13.20
C GLU D 161 10.69 -19.93 -12.97
N ILE D 162 10.74 -20.83 -11.98
CA ILE D 162 9.62 -21.76 -11.66
C ILE D 162 8.42 -20.96 -11.16
N ILE D 163 8.61 -20.07 -10.18
CA ILE D 163 7.46 -19.37 -9.54
C ILE D 163 6.81 -18.43 -10.57
N GLN D 164 7.55 -17.99 -11.59
CA GLN D 164 7.01 -17.14 -12.69
C GLN D 164 5.91 -17.88 -13.45
N THR D 165 5.95 -19.23 -13.46
CA THR D 165 4.96 -20.10 -14.17
C THR D 165 3.70 -20.33 -13.33
N TRP D 166 3.72 -20.02 -12.03
CA TRP D 166 2.61 -20.34 -11.08
C TRP D 166 1.38 -19.51 -11.45
N SER D 167 0.20 -20.14 -11.30
CA SER D 167 -1.15 -19.57 -11.51
C SER D 167 -1.25 -18.16 -10.89
N HIS D 168 -0.78 -18.02 -9.65
CA HIS D 168 -0.99 -16.83 -8.80
C HIS D 168 0.18 -15.84 -8.93
N TYR D 169 1.21 -16.13 -9.74
CA TYR D 169 2.35 -15.20 -9.93
C TYR D 169 1.88 -13.92 -10.63
N ARG D 170 2.34 -12.77 -10.13
CA ARG D 170 2.09 -11.42 -10.68
C ARG D 170 3.35 -10.57 -10.48
N ALA D 171 4.02 -10.21 -11.58
CA ALA D 171 5.29 -9.43 -11.57
C ALA D 171 5.03 -8.04 -10.98
#